data_2HH1
#
_entry.id   2HH1
#
_cell.length_a   139.543
_cell.length_b   139.543
_cell.length_c   183.965
_cell.angle_alpha   90.00
_cell.angle_beta   90.00
_cell.angle_gamma   120.00
#
_symmetry.space_group_name_H-M   'P 31 2 1'
#
loop_
_entity.id
_entity.type
_entity.pdbx_description
1 polymer 'Reaction center protein L chain'
2 polymer 'Reaction center protein M chain'
3 polymer 'Reaction center protein H chain'
4 non-polymer 'PHOSPHATE ION'
5 non-polymer 'BACTERIOCHLOROPHYLL A'
6 non-polymer 'BACTERIOPHEOPHYTIN A'
7 non-polymer UBIQUINONE-10
8 non-polymer '(7R,14S)-14,15-DIBROMO-4-HYDROXY-N,N,N-TRIMETHYL-9-OXO-7-[(PALMITOYLOXY)METHYL]-3,5,8-TRIOXA-4-PHOSPHAHEXACOSAN-1-AMINIUM 4-OXIDE'
9 non-polymer 'LAURYL DIMETHYLAMINE-N-OXIDE'
10 non-polymer 'FE (III) ION'
11 non-polymer CARDIOLIPIN
12 non-polymer 'POTASSIUM ION'
13 non-polymer HEPTANE-1,2,3-TRIOL
14 non-polymer '(7S)-4-HYDROXY-N,N,N-TRIMETHYL-9-OXO-7-[(PALMITOYLOXY)METHYL]-3,5,8-TRIOXA-4-PHOSPHAHEXACOSAN-1-AMINIUM 4-OXIDE'
15 non-polymer GLYCEROL
16 water water
#
loop_
_entity_poly.entity_id
_entity_poly.type
_entity_poly.pdbx_seq_one_letter_code
_entity_poly.pdbx_strand_id
1 'polypeptide(L)'
;ALLSFERKYRVPGGTLVGGNLFDFWVGPFYVGFFGVATFFFAALGIILIAWSAVLQGTWNPQLISVYPPALEYGLGGAPL
AKGGLWQIITICATGAFVSWALREVEICRKLGIGYHIPFAFAFAILAYLTLVLFRPVMMGAWGYAFPYGIWTHLDWVSNT
GYTYGNFHYNPAHMIAISFFFTNALALALHGALVLSAANPEKGKEMRTPDHEDTFFRDLVGYSIGTLGIHRLGLLLSLSA
VFFSALCMIITGTIWFDQWVDWWQWWVKLPWWANIPGGING
;
L
2 'polypeptide(L)'
;AEYQNIFSQVQVRGPADLGMTEDVNLANRSGVGPFSTLLGWFGNAQLGPIYLGSLGVLSLFSGLMWFFTIGIWFWYQAGW
NPAVFLRDLFFFSLEPPAPEYGLSFAAPLKEGGLWLIASFFMFVAVWSWWGRTYLRAQALGMGKHTAWAFLSAIWLWMVL
GFIRPILMGSWSEAVPYGIFSHLDWTNNFSLVHGNLFYNPFHGLSIAFLYGSALLFAMHGATILAVSRFGGERELEQIAD
RGTAAERAALFWRWTMGFNATMEGIHRWAIWMAVLVTLTGGIGILLSGTVVDNWYVWGQNHGMAPLN
;
M
3 'polypeptide(L)'
;MVGVTAFGNFDLASLAIYSFWIFLAGLIYYLQTENMREGYPLENEDGTPAANQGPFPLPKPKTFILPHGRGTLTVPGPES
EDRPIALARTAVSEGFPHAPTGDPMKDGVGPASWVARRDLPELDGHGHNKIKPMKAAAGFHVSAGKNPIGLPVRGCDLEI
AGKVVDIWVDIPEQMARFLEVELKDGSTRLLPMQMVKVQSNRVHVNALSSDLFAGIPTIKSPTEVTLLEEDKICGYVAGG
LMYAAPKRKSVVAAMLAEYA
;
H
#
# COMPACT_ATOMS: atom_id res chain seq x y z
N ALA A 1 -18.44 -22.98 -2.12
CA ALA A 1 -17.50 -23.67 -1.18
C ALA A 1 -16.95 -22.63 -0.20
N LEU A 2 -16.39 -23.09 0.91
CA LEU A 2 -15.84 -22.18 1.89
C LEU A 2 -14.38 -22.47 2.17
N LEU A 3 -13.65 -21.40 2.56
CA LEU A 3 -12.33 -21.60 3.14
C LEU A 3 -12.52 -22.49 4.38
N SER A 4 -11.47 -23.22 4.80
CA SER A 4 -11.62 -24.12 5.95
C SER A 4 -12.14 -23.41 7.19
N PHE A 5 -11.92 -22.11 7.30
CA PHE A 5 -12.19 -21.37 8.57
C PHE A 5 -13.36 -20.38 8.45
N GLU A 6 -14.02 -20.44 7.30
CA GLU A 6 -15.02 -19.42 6.95
C GLU A 6 -16.37 -19.47 7.65
N ARG A 7 -16.84 -20.70 7.99
CA ARG A 7 -18.26 -20.89 8.34
C ARG A 7 -18.62 -20.03 9.54
N LYS A 8 -17.73 -20.01 10.53
CA LYS A 8 -17.99 -19.30 11.77
C LYS A 8 -18.31 -17.82 11.56
N TYR A 9 -17.88 -17.24 10.46
CA TYR A 9 -18.06 -15.80 10.22
C TYR A 9 -19.29 -15.51 9.36
N ARG A 10 -19.86 -16.55 8.68
CA ARG A 10 -21.03 -16.36 7.83
C ARG A 10 -22.32 -16.36 8.67
N VAL A 11 -22.48 -15.32 9.47
CA VAL A 11 -23.62 -15.22 10.36
C VAL A 11 -24.51 -14.20 9.71
N PRO A 12 -25.79 -14.15 10.13
CA PRO A 12 -26.70 -13.06 9.70
C PRO A 12 -26.28 -11.72 10.28
N GLY A 13 -26.53 -10.69 9.51
CA GLY A 13 -26.47 -9.32 10.03
C GLY A 13 -25.42 -8.50 9.37
N GLY A 14 -25.55 -7.18 9.52
CA GLY A 14 -24.55 -6.20 9.09
C GLY A 14 -25.01 -5.41 7.89
N THR A 15 -26.15 -5.77 7.33
CA THR A 15 -26.64 -5.16 6.12
C THR A 15 -27.07 -3.73 6.42
N LEU A 16 -27.00 -2.87 5.42
CA LEU A 16 -27.42 -1.50 5.58
C LEU A 16 -28.87 -1.30 5.10
N VAL A 17 -29.33 -2.10 4.15
CA VAL A 17 -30.62 -1.96 3.54
C VAL A 17 -31.18 -3.37 3.28
N GLY A 18 -32.44 -3.56 3.60
CA GLY A 18 -33.16 -4.75 3.18
C GLY A 18 -33.24 -5.86 4.22
N GLY A 19 -32.76 -5.57 5.42
CA GLY A 19 -32.76 -6.56 6.45
C GLY A 19 -32.07 -7.82 5.96
N ASN A 20 -32.78 -8.95 6.01
CA ASN A 20 -32.22 -10.20 5.57
C ASN A 20 -32.53 -10.58 4.11
N LEU A 21 -33.26 -9.72 3.42
CA LEU A 21 -33.71 -10.03 2.07
C LEU A 21 -32.54 -10.46 1.16
N PHE A 22 -31.37 -9.84 1.29
CA PHE A 22 -30.23 -10.14 0.41
C PHE A 22 -28.97 -10.60 1.19
N ASP A 23 -29.17 -11.10 2.40
CA ASP A 23 -28.08 -11.49 3.29
C ASP A 23 -27.77 -12.95 2.93
N PHE A 24 -26.94 -13.08 1.89
CA PHE A 24 -26.50 -14.37 1.40
C PHE A 24 -25.30 -14.25 0.47
N TRP A 25 -24.70 -15.41 0.16
CA TRP A 25 -23.55 -15.53 -0.73
C TRP A 25 -23.93 -16.25 -2.04
N VAL A 26 -23.20 -15.96 -3.13
CA VAL A 26 -23.12 -16.79 -4.35
C VAL A 26 -21.63 -17.27 -4.51
N GLY A 27 -21.39 -18.55 -4.22
CA GLY A 27 -20.06 -19.05 -4.10
C GLY A 27 -19.31 -18.27 -3.02
N PRO A 28 -18.17 -17.67 -3.38
CA PRO A 28 -17.43 -16.83 -2.48
C PRO A 28 -18.02 -15.42 -2.23
N PHE A 29 -18.84 -14.92 -3.12
CA PHE A 29 -19.17 -13.51 -3.12
C PHE A 29 -20.34 -13.24 -2.20
N TYR A 30 -20.16 -12.27 -1.32
CA TYR A 30 -21.28 -11.72 -0.56
C TYR A 30 -22.13 -10.90 -1.55
N VAL A 31 -23.44 -10.97 -1.40
CA VAL A 31 -24.35 -10.21 -2.24
C VAL A 31 -24.76 -8.94 -1.50
N GLY A 32 -25.80 -9.04 -0.70
CA GLY A 32 -26.37 -7.86 -0.07
C GLY A 32 -27.08 -6.94 -1.06
N PHE A 33 -27.69 -5.87 -0.55
CA PHE A 33 -28.50 -4.97 -1.40
C PHE A 33 -27.59 -4.30 -2.44
N PHE A 34 -26.39 -4.00 -1.99
CA PHE A 34 -25.41 -3.34 -2.80
C PHE A 34 -24.71 -4.29 -3.78
N GLY A 35 -24.70 -5.59 -3.50
CA GLY A 35 -24.40 -6.58 -4.49
C GLY A 35 -25.38 -6.56 -5.64
N VAL A 36 -26.68 -6.50 -5.33
CA VAL A 36 -27.75 -6.46 -6.37
C VAL A 36 -27.68 -5.12 -7.10
N ALA A 37 -27.45 -4.02 -6.37
CA ALA A 37 -27.34 -2.72 -7.00
C ALA A 37 -26.12 -2.77 -7.94
N THR A 38 -24.96 -3.29 -7.44
CA THR A 38 -23.75 -3.33 -8.27
C THR A 38 -23.99 -4.12 -9.55
N PHE A 39 -24.61 -5.29 -9.43
CA PHE A 39 -24.89 -6.08 -10.61
C PHE A 39 -25.77 -5.30 -11.59
N PHE A 40 -26.80 -4.62 -11.09
CA PHE A 40 -27.72 -3.93 -11.94
C PHE A 40 -26.98 -2.84 -12.72
N PHE A 41 -26.17 -2.04 -12.02
CA PHE A 41 -25.49 -0.93 -12.68
C PHE A 41 -24.42 -1.44 -13.64
N ALA A 42 -23.65 -2.44 -13.23
CA ALA A 42 -22.57 -2.95 -14.08
C ALA A 42 -23.21 -3.48 -15.34
N ALA A 43 -24.25 -4.29 -15.16
CA ALA A 43 -24.86 -5.00 -16.25
C ALA A 43 -25.45 -3.98 -17.24
N LEU A 44 -26.25 -3.03 -16.77
CA LEU A 44 -26.79 -2.01 -17.66
C LEU A 44 -25.65 -1.23 -18.32
N GLY A 45 -24.62 -0.88 -17.55
CA GLY A 45 -23.40 -0.30 -18.10
C GLY A 45 -22.77 -1.08 -19.27
N ILE A 46 -22.54 -2.37 -19.08
CA ILE A 46 -21.88 -3.16 -20.09
C ILE A 46 -22.79 -3.29 -21.37
N ILE A 47 -24.10 -3.40 -21.17
CA ILE A 47 -25.04 -3.53 -22.27
C ILE A 47 -25.09 -2.25 -23.12
N LEU A 48 -24.94 -1.10 -22.47
CA LEU A 48 -24.97 0.17 -23.16
C LEU A 48 -23.68 0.34 -23.97
N ILE A 49 -22.60 -0.17 -23.40
CA ILE A 49 -21.30 -0.14 -24.07
C ILE A 49 -21.39 -1.04 -25.28
N ALA A 50 -21.77 -2.29 -25.08
CA ALA A 50 -22.04 -3.22 -26.19
C ALA A 50 -22.93 -2.60 -27.32
N TRP A 51 -23.97 -1.88 -26.94
CA TRP A 51 -24.81 -1.19 -27.90
C TRP A 51 -24.07 -0.03 -28.57
N SER A 52 -23.25 0.67 -27.80
CA SER A 52 -22.44 1.74 -28.40
C SER A 52 -21.48 1.14 -29.43
N ALA A 53 -20.95 -0.05 -29.13
CA ALA A 53 -20.12 -0.79 -30.06
C ALA A 53 -20.89 -0.94 -31.37
N VAL A 54 -22.10 -1.50 -31.30
CA VAL A 54 -22.95 -1.64 -32.50
C VAL A 54 -23.05 -0.37 -33.38
N LEU A 55 -23.23 0.78 -32.73
CA LEU A 55 -23.39 2.08 -33.39
C LEU A 55 -22.07 2.61 -33.95
N GLN A 56 -20.98 2.18 -33.32
CA GLN A 56 -19.64 2.50 -33.80
C GLN A 56 -19.28 1.64 -35.01
N GLY A 57 -19.83 0.41 -35.02
CA GLY A 57 -19.53 -0.61 -36.04
C GLY A 57 -18.30 -1.46 -35.79
N THR A 58 -17.99 -1.71 -34.54
CA THR A 58 -16.90 -2.63 -34.23
C THR A 58 -17.32 -3.49 -33.04
N TRP A 59 -16.68 -4.64 -32.87
CA TRP A 59 -16.70 -5.40 -31.61
C TRP A 59 -15.32 -5.61 -31.03
N ASN A 60 -14.28 -5.02 -31.63
CA ASN A 60 -12.92 -5.19 -31.11
C ASN A 60 -12.71 -4.32 -29.88
N PRO A 61 -12.24 -4.92 -28.78
CA PRO A 61 -12.07 -4.17 -27.52
C PRO A 61 -10.87 -3.22 -27.46
N GLN A 62 -9.83 -3.48 -28.26
CA GLN A 62 -8.79 -2.48 -28.56
C GLN A 62 -9.32 -1.33 -29.45
N LEU A 63 -10.48 -1.53 -30.12
CA LEU A 63 -11.14 -0.44 -30.85
C LEU A 63 -12.42 0.18 -30.26
N ILE A 64 -13.16 -0.51 -29.40
CA ILE A 64 -14.48 -0.01 -28.96
C ILE A 64 -14.27 1.27 -28.18
N SER A 65 -14.98 2.34 -28.50
CA SER A 65 -14.81 3.57 -27.73
C SER A 65 -16.07 4.40 -27.55
N VAL A 66 -16.37 4.78 -26.31
CA VAL A 66 -17.57 5.57 -26.05
C VAL A 66 -17.23 7.00 -25.68
N TYR A 67 -17.40 7.93 -26.62
CA TYR A 67 -16.98 9.31 -26.41
C TYR A 67 -18.14 10.11 -25.77
N PRO A 68 -17.79 11.06 -24.91
CA PRO A 68 -18.78 11.96 -24.39
C PRO A 68 -19.37 12.88 -25.44
N PRO A 69 -20.48 13.56 -25.09
CA PRO A 69 -21.06 14.64 -25.89
C PRO A 69 -20.04 15.73 -26.26
N ALA A 70 -20.09 16.15 -27.53
CA ALA A 70 -19.18 17.16 -28.05
C ALA A 70 -19.36 18.43 -27.26
N LEU A 71 -18.36 19.30 -27.25
CA LEU A 71 -18.40 20.49 -26.41
C LEU A 71 -19.62 21.38 -26.72
N GLU A 72 -20.11 21.37 -27.97
CA GLU A 72 -21.27 22.19 -28.36
C GLU A 72 -22.49 21.84 -27.47
N TYR A 73 -22.60 20.59 -27.04
CA TYR A 73 -23.65 20.20 -26.10
C TYR A 73 -23.64 20.81 -24.69
N GLY A 74 -22.55 21.44 -24.25
CA GLY A 74 -22.51 22.00 -22.91
C GLY A 74 -22.77 20.90 -21.87
N LEU A 75 -23.59 21.23 -20.86
CA LEU A 75 -23.88 20.28 -19.78
C LEU A 75 -25.31 19.74 -19.89
N GLY A 76 -25.94 19.91 -21.05
CA GLY A 76 -27.17 19.20 -21.36
C GLY A 76 -26.95 17.77 -21.83
N GLY A 77 -28.05 17.16 -22.28
CA GLY A 77 -28.05 15.79 -22.81
C GLY A 77 -27.81 15.75 -24.31
N ALA A 78 -27.40 14.59 -24.79
CA ALA A 78 -27.01 14.41 -26.17
C ALA A 78 -27.77 13.20 -26.67
N PRO A 79 -27.98 13.08 -28.00
CA PRO A 79 -28.48 11.79 -28.51
C PRO A 79 -27.59 10.58 -28.13
N LEU A 80 -28.24 9.44 -27.93
CA LEU A 80 -27.59 8.20 -27.59
C LEU A 80 -26.39 7.94 -28.50
N ALA A 81 -26.58 8.09 -29.80
CA ALA A 81 -25.49 7.83 -30.75
C ALA A 81 -24.29 8.78 -30.58
N LYS A 82 -24.55 9.96 -30.02
CA LYS A 82 -23.65 11.10 -30.11
C LYS A 82 -23.29 11.68 -28.77
N GLY A 83 -23.17 10.84 -27.77
CA GLY A 83 -22.80 11.33 -26.42
C GLY A 83 -23.75 10.89 -25.32
N GLY A 84 -25.00 10.60 -25.70
CA GLY A 84 -26.02 10.16 -24.71
C GLY A 84 -25.63 8.88 -23.98
N LEU A 85 -25.16 7.90 -24.74
CA LEU A 85 -24.76 6.65 -24.19
C LEU A 85 -23.64 6.90 -23.20
N TRP A 86 -22.70 7.77 -23.55
CA TRP A 86 -21.61 8.02 -22.61
C TRP A 86 -22.14 8.48 -21.29
N GLN A 87 -23.15 9.35 -21.34
CA GLN A 87 -23.65 10.03 -20.14
C GLN A 87 -24.35 9.03 -19.23
N ILE A 88 -25.21 8.18 -19.81
CA ILE A 88 -25.87 7.11 -19.04
C ILE A 88 -24.87 6.06 -18.52
N ILE A 89 -23.86 5.75 -19.33
CA ILE A 89 -22.81 4.81 -18.87
C ILE A 89 -22.02 5.45 -17.69
N THR A 90 -21.79 6.75 -17.73
CA THR A 90 -21.10 7.35 -16.58
C THR A 90 -21.98 7.21 -15.34
N ILE A 91 -23.30 7.42 -15.46
CA ILE A 91 -24.18 7.28 -14.30
C ILE A 91 -24.12 5.82 -13.82
N CYS A 92 -24.19 4.85 -14.73
CA CYS A 92 -24.04 3.46 -14.31
C CYS A 92 -22.71 3.18 -13.63
N ALA A 93 -21.62 3.74 -14.15
CA ALA A 93 -20.27 3.53 -13.57
C ALA A 93 -20.23 3.97 -12.11
N THR A 94 -20.66 5.21 -11.90
CA THR A 94 -20.75 5.87 -10.59
C THR A 94 -21.61 5.05 -9.61
N GLY A 95 -22.78 4.64 -10.08
CA GLY A 95 -23.67 3.74 -9.33
C GLY A 95 -23.04 2.39 -8.98
N ALA A 96 -22.29 1.81 -9.92
CA ALA A 96 -21.53 0.58 -9.66
C ALA A 96 -20.44 0.78 -8.65
N PHE A 97 -19.65 1.85 -8.78
CA PHE A 97 -18.49 2.00 -7.88
C PHE A 97 -18.96 2.28 -6.47
N VAL A 98 -19.94 3.17 -6.29
CA VAL A 98 -20.47 3.56 -4.99
C VAL A 98 -21.18 2.38 -4.35
N SER A 99 -22.03 1.71 -5.12
CA SER A 99 -22.61 0.43 -4.70
C SER A 99 -21.50 -0.55 -4.25
N TRP A 100 -20.39 -0.58 -4.97
CA TRP A 100 -19.34 -1.51 -4.55
C TRP A 100 -18.74 -1.06 -3.20
N ALA A 101 -18.53 0.25 -3.04
CA ALA A 101 -18.05 0.77 -1.74
C ALA A 101 -19.05 0.43 -0.59
N LEU A 102 -20.36 0.59 -0.83
CA LEU A 102 -21.30 0.38 0.23
C LEU A 102 -21.41 -1.14 0.54
N ARG A 103 -21.25 -1.98 -0.48
CA ARG A 103 -21.24 -3.43 -0.27
C ARG A 103 -20.02 -3.76 0.59
N GLU A 104 -18.91 -3.09 0.34
CA GLU A 104 -17.75 -3.31 1.18
C GLU A 104 -18.00 -2.95 2.68
N VAL A 105 -18.76 -1.89 2.91
CA VAL A 105 -19.17 -1.47 4.25
C VAL A 105 -20.05 -2.54 4.91
N GLU A 106 -21.04 -3.06 4.19
CA GLU A 106 -21.82 -4.22 4.69
C GLU A 106 -20.94 -5.42 5.07
N ILE A 107 -19.97 -5.76 4.23
CA ILE A 107 -19.01 -6.86 4.54
C ILE A 107 -18.20 -6.57 5.83
N CYS A 108 -17.69 -5.34 5.97
CA CYS A 108 -17.03 -4.94 7.21
C CYS A 108 -17.90 -5.12 8.42
N ARG A 109 -19.17 -4.75 8.32
CA ARG A 109 -20.05 -4.84 9.47
C ARG A 109 -20.28 -6.28 9.92
N LYS A 110 -20.40 -7.17 8.93
CA LYS A 110 -20.62 -8.58 9.20
C LYS A 110 -19.38 -9.16 9.86
N LEU A 111 -18.21 -8.68 9.45
CA LEU A 111 -16.96 -9.21 9.93
C LEU A 111 -16.39 -8.51 11.16
N GLY A 112 -17.08 -7.50 11.64
CA GLY A 112 -16.57 -6.68 12.73
C GLY A 112 -15.21 -6.01 12.53
N ILE A 113 -14.92 -5.57 11.28
CA ILE A 113 -13.66 -4.88 11.03
C ILE A 113 -13.88 -3.41 10.84
N GLY A 114 -12.78 -2.66 10.83
CA GLY A 114 -12.83 -1.25 10.50
C GLY A 114 -13.23 -1.00 9.06
N TYR A 115 -13.62 0.24 8.79
CA TYR A 115 -14.07 0.67 7.45
C TYR A 115 -13.02 1.26 6.58
N HIS A 116 -11.76 0.92 6.81
CA HIS A 116 -10.65 1.60 6.12
C HIS A 116 -10.64 1.25 4.63
N ILE A 117 -11.01 0.05 4.25
CA ILE A 117 -10.96 -0.30 2.83
C ILE A 117 -11.88 0.56 1.95
N PRO A 118 -13.22 0.51 2.18
CA PRO A 118 -14.15 1.36 1.42
C PRO A 118 -13.85 2.87 1.48
N PHE A 119 -13.37 3.33 2.60
CA PHE A 119 -12.86 4.66 2.73
C PHE A 119 -11.69 4.94 1.74
N ALA A 120 -10.72 4.00 1.66
CA ALA A 120 -9.62 4.11 0.70
C ALA A 120 -10.22 4.10 -0.70
N PHE A 121 -11.11 3.14 -0.92
CA PHE A 121 -11.65 3.01 -2.22
C PHE A 121 -12.32 4.33 -2.65
N ALA A 122 -12.98 5.03 -1.73
CA ALA A 122 -13.69 6.26 -2.06
C ALA A 122 -12.76 7.33 -2.65
N PHE A 123 -11.44 7.26 -2.37
CA PHE A 123 -10.48 8.18 -3.04
C PHE A 123 -10.38 7.86 -4.52
N ALA A 124 -10.32 6.59 -4.88
CA ALA A 124 -10.36 6.25 -6.34
C ALA A 124 -11.63 6.80 -7.05
N ILE A 125 -12.79 6.55 -6.46
CA ILE A 125 -14.06 7.03 -7.00
C ILE A 125 -14.02 8.54 -7.15
N LEU A 126 -13.50 9.24 -6.17
CA LEU A 126 -13.43 10.67 -6.25
C LEU A 126 -12.53 11.15 -7.42
N ALA A 127 -11.43 10.42 -7.68
CA ALA A 127 -10.51 10.72 -8.74
C ALA A 127 -11.26 10.55 -10.06
N TYR A 128 -11.88 9.39 -10.24
CA TYR A 128 -12.78 9.16 -11.37
C TYR A 128 -13.81 10.29 -11.50
N LEU A 129 -14.48 10.62 -10.42
CA LEU A 129 -15.54 11.64 -10.53
C LEU A 129 -14.98 13.05 -10.88
N THR A 130 -13.79 13.35 -10.40
CA THR A 130 -13.12 14.58 -10.80
C THR A 130 -13.03 14.65 -12.32
N LEU A 131 -12.53 13.59 -12.95
CA LEU A 131 -12.31 13.63 -14.37
C LEU A 131 -13.58 13.65 -15.22
N VAL A 132 -14.60 12.87 -14.82
CA VAL A 132 -15.84 12.75 -15.59
C VAL A 132 -16.94 13.68 -15.10
N LEU A 133 -16.85 14.21 -13.88
CA LEU A 133 -17.99 14.98 -13.38
C LEU A 133 -17.62 16.38 -12.91
N PHE A 134 -16.74 16.50 -11.92
CA PHE A 134 -16.51 17.82 -11.29
C PHE A 134 -15.81 18.75 -12.23
N ARG A 135 -14.83 18.20 -12.94
CA ARG A 135 -14.02 19.03 -13.80
C ARG A 135 -14.82 19.44 -15.03
N PRO A 136 -15.41 18.47 -15.75
CA PRO A 136 -16.39 18.87 -16.77
C PRO A 136 -17.47 19.85 -16.26
N VAL A 137 -18.02 19.66 -15.07
CA VAL A 137 -19.03 20.63 -14.65
C VAL A 137 -18.42 22.02 -14.57
N MET A 138 -17.24 22.13 -14.05
CA MET A 138 -16.64 23.37 -13.75
C MET A 138 -16.04 24.09 -14.93
N MET A 139 -15.73 23.23 -15.97
CA MET A 139 -15.37 23.74 -17.28
C MET A 139 -16.56 23.96 -18.27
N GLY A 140 -17.78 23.57 -17.90
CA GLY A 140 -19.00 23.86 -18.68
C GLY A 140 -19.39 22.90 -19.80
N ALA A 141 -18.79 21.71 -19.85
CA ALA A 141 -19.16 20.70 -20.88
C ALA A 141 -18.65 19.30 -20.54
N TRP A 142 -19.49 18.28 -20.81
CA TRP A 142 -19.12 16.87 -20.69
C TRP A 142 -18.07 16.46 -21.68
N GLY A 143 -17.93 17.21 -22.78
CA GLY A 143 -16.88 16.98 -23.81
C GLY A 143 -15.46 16.92 -23.24
N TYR A 144 -15.24 17.56 -22.09
CA TYR A 144 -13.95 17.59 -21.44
C TYR A 144 -13.59 16.31 -20.66
N ALA A 145 -14.56 15.41 -20.48
CA ALA A 145 -14.28 14.14 -19.80
C ALA A 145 -13.59 13.23 -20.82
N PHE A 146 -13.03 12.13 -20.32
CA PHE A 146 -12.33 11.20 -21.19
C PHE A 146 -13.30 10.17 -21.75
N PRO A 147 -12.98 9.65 -22.95
CA PRO A 147 -13.86 8.70 -23.55
C PRO A 147 -13.52 7.36 -22.97
N TYR A 148 -14.46 6.42 -23.04
CA TYR A 148 -14.20 5.07 -22.51
C TYR A 148 -13.72 4.17 -23.59
N GLY A 149 -12.41 4.08 -23.74
CA GLY A 149 -11.83 3.19 -24.72
C GLY A 149 -10.38 2.94 -24.35
N ILE A 150 -9.88 1.76 -24.69
CA ILE A 150 -8.61 1.29 -24.12
C ILE A 150 -7.49 2.20 -24.55
N TRP A 151 -7.46 2.54 -25.81
CA TRP A 151 -6.49 3.49 -26.35
C TRP A 151 -7.02 4.91 -26.47
N THR A 152 -8.31 5.07 -26.79
CA THR A 152 -8.82 6.44 -26.93
C THR A 152 -8.63 7.23 -25.64
N HIS A 153 -8.70 6.59 -24.47
CA HIS A 153 -8.50 7.37 -23.23
C HIS A 153 -7.07 7.84 -23.04
N LEU A 154 -6.11 7.11 -23.61
CA LEU A 154 -4.70 7.50 -23.61
C LEU A 154 -4.46 8.71 -24.50
N ASP A 155 -5.13 8.76 -25.68
CA ASP A 155 -5.13 9.91 -26.50
C ASP A 155 -5.67 11.10 -25.69
N TRP A 156 -6.75 10.91 -24.92
CA TRP A 156 -7.28 12.04 -24.14
C TRP A 156 -6.26 12.55 -23.13
N VAL A 157 -5.49 11.62 -22.58
CA VAL A 157 -4.54 12.02 -21.56
C VAL A 157 -3.46 12.88 -22.23
N SER A 158 -2.95 12.40 -23.36
CA SER A 158 -1.92 13.12 -24.09
C SER A 158 -2.42 14.47 -24.65
N ASN A 159 -3.57 14.48 -25.29
CA ASN A 159 -4.10 15.73 -25.79
C ASN A 159 -4.40 16.72 -24.68
N THR A 160 -4.92 16.24 -23.56
CA THR A 160 -5.21 17.11 -22.42
C THR A 160 -3.92 17.67 -21.82
N GLY A 161 -2.91 16.83 -21.67
CA GLY A 161 -1.63 17.28 -21.14
C GLY A 161 -1.04 18.38 -22.01
N TYR A 162 -0.92 18.09 -23.31
CA TYR A 162 -0.22 19.00 -24.23
C TYR A 162 -0.99 20.28 -24.50
N THR A 163 -2.26 20.30 -24.14
CA THR A 163 -3.00 21.54 -24.08
C THR A 163 -2.35 22.58 -23.16
N TYR A 164 -1.64 22.13 -22.12
CA TYR A 164 -0.97 22.99 -21.18
C TYR A 164 0.57 22.88 -21.25
N GLY A 165 1.08 22.59 -22.44
CA GLY A 165 2.52 22.40 -22.61
C GLY A 165 2.94 21.03 -22.08
N ASN A 166 4.17 20.97 -21.56
CA ASN A 166 4.61 19.78 -20.86
C ASN A 166 3.96 19.76 -19.48
N PHE A 167 3.13 18.73 -19.22
CA PHE A 167 2.26 18.71 -18.05
C PHE A 167 3.08 18.47 -16.81
N HIS A 168 4.33 18.07 -17.00
CA HIS A 168 5.24 17.88 -15.91
C HIS A 168 5.28 19.11 -15.04
N TYR A 169 5.11 20.28 -15.63
CA TYR A 169 5.25 21.51 -14.91
C TYR A 169 4.06 21.83 -13.99
N ASN A 170 3.03 20.99 -13.96
CA ASN A 170 1.94 21.17 -13.02
C ASN A 170 2.45 20.86 -11.63
N PRO A 171 2.51 21.83 -10.73
CA PRO A 171 3.14 21.51 -9.45
C PRO A 171 2.38 20.49 -8.59
N ALA A 172 1.05 20.42 -8.66
CA ALA A 172 0.28 19.43 -7.91
C ALA A 172 0.57 18.07 -8.50
N HIS A 173 0.86 18.05 -9.79
CA HIS A 173 1.17 16.82 -10.54
C HIS A 173 2.55 16.32 -10.10
N MET A 174 3.48 17.21 -9.86
CA MET A 174 4.81 16.79 -9.35
C MET A 174 4.68 16.10 -7.99
N ILE A 175 3.88 16.70 -7.10
CA ILE A 175 3.61 16.09 -5.80
C ILE A 175 2.97 14.69 -6.00
N ALA A 176 1.97 14.59 -6.88
CA ALA A 176 1.26 13.34 -7.09
C ALA A 176 2.23 12.27 -7.56
N ILE A 177 3.05 12.61 -8.57
CA ILE A 177 4.08 11.68 -9.09
C ILE A 177 4.94 11.22 -7.94
N SER A 178 5.34 12.14 -7.09
CA SER A 178 6.25 11.82 -5.99
C SER A 178 5.70 10.81 -5.02
N PHE A 179 4.43 10.96 -4.67
CA PHE A 179 3.72 10.04 -3.82
C PHE A 179 3.58 8.67 -4.50
N PHE A 180 3.18 8.63 -5.77
CA PHE A 180 3.18 7.37 -6.53
C PHE A 180 4.53 6.65 -6.51
N PHE A 181 5.64 7.33 -6.76
CA PHE A 181 6.93 6.65 -6.84
C PHE A 181 7.33 6.27 -5.42
N THR A 182 7.04 7.16 -4.46
CA THR A 182 7.42 6.83 -3.10
C THR A 182 6.61 5.62 -2.58
N ASN A 183 5.32 5.55 -2.94
CA ASN A 183 4.44 4.48 -2.56
C ASN A 183 4.93 3.17 -3.10
N ALA A 184 5.31 3.14 -4.39
CA ALA A 184 5.95 1.95 -4.99
C ALA A 184 7.25 1.58 -4.29
N LEU A 185 7.99 2.55 -3.85
CA LEU A 185 9.24 2.32 -3.04
C LEU A 185 8.92 1.61 -1.68
N ALA A 186 7.95 2.17 -0.94
CA ALA A 186 7.48 1.59 0.32
C ALA A 186 6.87 0.17 0.13
N LEU A 187 6.10 -0.04 -0.94
CA LEU A 187 5.59 -1.37 -1.28
C LEU A 187 6.68 -2.40 -1.51
N ALA A 188 7.70 -2.10 -2.31
CA ALA A 188 8.87 -3.03 -2.53
C ALA A 188 9.51 -3.35 -1.23
N LEU A 189 9.81 -2.29 -0.46
CA LEU A 189 10.56 -2.41 0.80
C LEU A 189 9.78 -3.27 1.82
N HIS A 190 8.48 -2.97 1.97
CA HIS A 190 7.62 -3.65 2.92
C HIS A 190 7.44 -5.11 2.59
N GLY A 191 7.08 -5.41 1.36
CA GLY A 191 7.05 -6.80 0.96
C GLY A 191 8.37 -7.51 1.17
N ALA A 192 9.47 -6.87 0.76
CA ALA A 192 10.76 -7.54 0.81
C ALA A 192 11.10 -7.73 2.29
N LEU A 193 10.70 -6.79 3.15
CA LEU A 193 11.15 -6.88 4.51
C LEU A 193 10.49 -8.09 5.21
N VAL A 194 9.17 -8.14 5.14
CA VAL A 194 8.44 -9.18 5.79
C VAL A 194 8.88 -10.55 5.22
N LEU A 195 9.01 -10.68 3.90
CA LEU A 195 9.45 -11.95 3.30
C LEU A 195 10.86 -12.31 3.71
N SER A 196 11.76 -11.31 3.87
CA SER A 196 13.11 -11.57 4.35
C SER A 196 13.13 -12.07 5.82
N ALA A 197 12.13 -11.65 6.60
CA ALA A 197 12.03 -12.18 7.99
C ALA A 197 11.33 -13.56 7.98
N ALA A 198 10.28 -13.69 7.17
CA ALA A 198 9.53 -14.94 7.12
C ALA A 198 10.30 -16.07 6.45
N ASN A 199 11.25 -15.69 5.61
CA ASN A 199 12.01 -16.63 4.76
C ASN A 199 13.53 -16.38 4.91
N PRO A 200 14.08 -16.74 6.05
CA PRO A 200 15.48 -16.42 6.31
C PRO A 200 16.46 -17.32 5.54
N GLU A 201 17.74 -17.17 5.80
CA GLU A 201 18.73 -17.98 5.11
C GLU A 201 18.47 -19.41 5.47
N LYS A 202 18.81 -20.31 4.56
CA LYS A 202 18.48 -21.73 4.63
C LYS A 202 18.85 -22.38 5.93
N GLY A 203 17.87 -23.02 6.55
CA GLY A 203 18.10 -23.78 7.77
C GLY A 203 17.82 -22.98 9.02
N LYS A 204 17.70 -21.65 8.91
CA LYS A 204 17.55 -20.82 10.10
C LYS A 204 16.09 -20.58 10.46
N GLU A 205 15.90 -20.13 11.68
CA GLU A 205 14.60 -19.78 12.20
C GLU A 205 14.05 -18.51 11.61
N MET A 206 12.71 -18.48 11.47
CA MET A 206 12.03 -17.26 11.09
C MET A 206 12.61 -16.13 11.98
N ARG A 207 12.88 -14.97 11.40
CA ARG A 207 13.21 -13.81 12.18
C ARG A 207 11.94 -13.18 12.74
N THR A 208 12.13 -12.13 13.54
CA THR A 208 11.10 -11.46 14.35
C THR A 208 10.97 -10.03 13.91
N PRO A 209 9.84 -9.40 14.24
CA PRO A 209 9.80 -8.01 13.86
C PRO A 209 10.95 -7.23 14.44
N ASP A 210 11.51 -7.63 15.58
CA ASP A 210 12.69 -6.95 16.09
C ASP A 210 13.82 -7.00 15.04
N HIS A 211 13.93 -8.10 14.31
CA HIS A 211 14.93 -8.21 13.22
C HIS A 211 14.62 -7.20 12.08
N GLU A 212 13.33 -6.91 11.90
CA GLU A 212 12.89 -6.03 10.83
C GLU A 212 13.26 -4.58 11.22
N ASP A 213 13.15 -4.23 12.51
CA ASP A 213 13.56 -2.87 12.94
C ASP A 213 15.08 -2.79 12.85
N THR A 214 15.75 -3.84 13.25
CA THR A 214 17.17 -3.78 13.29
C THR A 214 17.73 -3.58 11.91
N PHE A 215 17.13 -4.30 10.93
CA PHE A 215 17.56 -4.27 9.53
C PHE A 215 17.51 -2.88 9.00
N PHE A 216 16.36 -2.27 9.20
CA PHE A 216 16.15 -0.90 8.75
C PHE A 216 16.96 0.18 9.50
N ARG A 217 17.30 -0.08 10.77
CA ARG A 217 18.02 0.89 11.55
C ARG A 217 19.49 0.80 11.16
N ASP A 218 20.02 -0.42 11.14
CA ASP A 218 21.33 -0.66 10.59
C ASP A 218 21.46 0.03 9.22
N LEU A 219 20.43 -0.14 8.37
CA LEU A 219 20.50 0.36 6.99
C LEU A 219 20.37 1.89 6.83
N VAL A 220 19.29 2.48 7.31
CA VAL A 220 19.12 3.93 7.13
C VAL A 220 19.04 4.70 8.43
N GLY A 221 19.15 4.06 9.58
CA GLY A 221 19.08 4.78 10.84
C GLY A 221 17.65 4.99 11.37
N TYR A 222 16.66 4.31 10.79
CA TYR A 222 15.32 4.54 11.29
C TYR A 222 14.41 3.39 10.91
N SER A 223 13.49 3.03 11.79
CA SER A 223 12.47 2.06 11.42
C SER A 223 11.13 2.62 11.82
N ILE A 224 10.16 2.56 10.95
CA ILE A 224 8.88 3.18 11.21
C ILE A 224 8.01 2.21 12.02
N GLY A 225 8.34 0.91 11.97
CA GLY A 225 7.63 -0.13 12.69
C GLY A 225 6.42 -0.65 11.90
N THR A 226 5.94 -1.78 12.34
CA THR A 226 4.99 -2.56 11.61
C THR A 226 3.64 -1.92 11.56
N LEU A 227 3.24 -1.16 12.56
CA LEU A 227 1.98 -0.44 12.43
C LEU A 227 2.27 0.70 11.49
N GLY A 228 3.41 1.36 11.74
CA GLY A 228 3.86 2.48 10.94
C GLY A 228 3.78 2.26 9.45
N ILE A 229 4.31 1.12 9.02
CA ILE A 229 4.46 0.92 7.59
C ILE A 229 3.14 0.79 6.84
N HIS A 230 2.14 0.27 7.52
CA HIS A 230 0.82 0.10 6.91
C HIS A 230 0.07 1.40 6.90
N ARG A 231 0.28 2.18 7.93
CA ARG A 231 -0.17 3.57 7.92
C ARG A 231 0.46 4.37 6.76
N LEU A 232 1.76 4.14 6.54
CA LEU A 232 2.51 4.85 5.53
C LEU A 232 1.95 4.53 4.15
N GLY A 233 1.92 3.25 3.83
CA GLY A 233 1.41 2.80 2.50
C GLY A 233 0.05 3.37 2.25
N LEU A 234 -0.83 3.31 3.25
CA LEU A 234 -2.16 3.88 3.06
C LEU A 234 -2.06 5.41 2.79
N LEU A 235 -1.28 6.12 3.55
CA LEU A 235 -1.11 7.57 3.36
C LEU A 235 -0.49 7.90 1.97
N LEU A 236 0.57 7.16 1.57
CA LEU A 236 1.30 7.47 0.37
C LEU A 236 0.37 7.32 -0.83
N SER A 237 -0.31 6.19 -0.88
CA SER A 237 -1.15 5.90 -2.01
C SER A 237 -2.40 6.75 -2.05
N LEU A 238 -3.04 7.00 -0.91
CA LEU A 238 -4.17 7.92 -0.91
C LEU A 238 -3.74 9.36 -1.23
N SER A 239 -2.57 9.76 -0.78
CA SER A 239 -2.05 11.08 -1.08
C SER A 239 -1.76 11.21 -2.57
N ALA A 240 -1.16 10.17 -3.15
CA ALA A 240 -0.93 10.17 -4.61
C ALA A 240 -2.23 10.48 -5.41
N VAL A 241 -3.32 9.88 -5.00
CA VAL A 241 -4.57 10.05 -5.70
C VAL A 241 -5.21 11.37 -5.35
N PHE A 242 -5.06 11.83 -4.13
CA PHE A 242 -5.64 13.10 -3.76
C PHE A 242 -5.03 14.24 -4.62
N PHE A 243 -3.70 14.19 -4.75
CA PHE A 243 -2.96 15.21 -5.51
C PHE A 243 -3.24 15.08 -7.03
N SER A 244 -3.60 13.88 -7.44
CA SER A 244 -3.96 13.64 -8.82
C SER A 244 -5.27 14.34 -9.09
N ALA A 245 -6.26 14.05 -8.25
CA ALA A 245 -7.54 14.76 -8.31
C ALA A 245 -7.36 16.30 -8.31
N LEU A 246 -6.47 16.75 -7.42
CA LEU A 246 -6.22 18.16 -7.23
C LEU A 246 -5.59 18.73 -8.51
N CYS A 247 -4.61 18.02 -9.08
CA CYS A 247 -3.85 18.54 -10.20
C CYS A 247 -4.69 18.70 -11.44
N MET A 248 -5.76 17.93 -11.55
CA MET A 248 -6.68 18.07 -12.66
C MET A 248 -7.85 19.02 -12.39
N ILE A 249 -8.37 19.00 -11.16
CA ILE A 249 -9.48 19.90 -10.81
C ILE A 249 -9.09 21.37 -11.02
N ILE A 250 -7.79 21.70 -10.87
CA ILE A 250 -7.26 23.06 -11.10
C ILE A 250 -6.87 23.39 -12.57
N THR A 251 -6.74 22.38 -13.42
CA THR A 251 -6.30 22.54 -14.77
C THR A 251 -7.51 22.70 -15.69
N GLY A 252 -7.61 23.83 -16.38
CA GLY A 252 -8.80 24.14 -17.16
C GLY A 252 -9.75 25.04 -16.40
N THR A 253 -9.39 25.42 -15.18
CA THR A 253 -10.31 26.11 -14.29
C THR A 253 -9.61 27.26 -13.63
N ILE A 254 -8.73 27.03 -12.65
CA ILE A 254 -8.01 28.17 -12.05
C ILE A 254 -6.76 28.50 -12.85
N TRP A 255 -6.11 27.45 -13.38
CA TRP A 255 -4.98 27.62 -14.29
C TRP A 255 -5.31 26.91 -15.61
N PHE A 256 -5.11 27.62 -16.73
CA PHE A 256 -5.40 27.08 -18.08
C PHE A 256 -4.37 27.52 -19.15
N ASP A 257 -3.31 28.19 -18.74
CA ASP A 257 -2.25 28.59 -19.63
C ASP A 257 -1.18 27.48 -19.62
N GLN A 258 0.01 27.75 -20.15
CA GLN A 258 1.06 26.73 -20.18
C GLN A 258 1.59 26.53 -18.74
N TRP A 259 1.62 25.30 -18.25
CA TRP A 259 2.12 25.08 -16.88
C TRP A 259 3.56 25.57 -16.62
N VAL A 260 4.45 25.54 -17.60
CA VAL A 260 5.81 26.00 -17.36
C VAL A 260 5.77 27.45 -16.89
N ASP A 261 4.86 28.22 -17.45
CA ASP A 261 4.84 29.67 -17.18
C ASP A 261 4.35 29.98 -15.77
N TRP A 262 3.65 29.06 -15.11
CA TRP A 262 3.24 29.27 -13.73
C TRP A 262 4.44 29.59 -12.77
N TRP A 263 5.57 28.93 -13.00
CA TRP A 263 6.74 29.07 -12.17
C TRP A 263 7.34 30.45 -12.22
N GLN A 264 6.84 31.31 -13.11
CA GLN A 264 7.32 32.67 -13.16
C GLN A 264 7.01 33.49 -11.87
N TRP A 265 5.98 33.12 -11.11
CA TRP A 265 5.65 33.89 -9.90
C TRP A 265 6.84 33.95 -8.91
N TRP A 266 7.50 32.82 -8.73
CA TRP A 266 8.70 32.68 -7.91
C TRP A 266 9.85 33.43 -8.47
N VAL A 267 10.12 33.24 -9.76
CA VAL A 267 11.25 33.93 -10.42
C VAL A 267 11.14 35.44 -10.36
N LYS A 268 9.92 35.95 -10.39
CA LYS A 268 9.71 37.39 -10.43
C LYS A 268 9.46 38.04 -9.08
N LEU A 269 9.54 37.28 -7.98
CA LEU A 269 9.50 37.93 -6.66
C LEU A 269 10.56 39.04 -6.65
N PRO A 270 10.20 40.23 -6.12
CA PRO A 270 10.93 41.48 -6.40
C PRO A 270 12.36 41.56 -5.85
N TRP A 271 12.59 40.93 -4.71
CA TRP A 271 13.92 40.93 -4.10
C TRP A 271 15.00 40.30 -4.97
N TRP A 272 14.67 39.29 -5.79
CA TRP A 272 15.62 38.80 -6.81
C TRP A 272 15.21 38.93 -8.27
N ALA A 273 13.99 39.36 -8.55
CA ALA A 273 13.55 39.46 -9.94
C ALA A 273 14.63 40.06 -10.88
N ASN A 274 15.25 41.17 -10.51
CA ASN A 274 16.14 41.86 -11.47
C ASN A 274 17.65 41.63 -11.34
N ILE A 275 18.05 40.73 -10.44
CA ILE A 275 19.46 40.53 -10.16
C ILE A 275 20.06 39.81 -11.38
N PRO A 276 21.11 40.37 -12.00
CA PRO A 276 21.61 39.72 -13.24
C PRO A 276 22.33 38.39 -13.02
N GLY A 277 22.68 37.72 -14.12
CA GLY A 277 23.27 36.39 -14.07
C GLY A 277 22.20 35.32 -13.97
N GLY A 278 22.62 34.09 -13.63
CA GLY A 278 21.73 32.95 -13.64
C GLY A 278 21.09 32.68 -14.99
N ILE A 279 20.19 31.72 -14.99
CA ILE A 279 19.48 31.33 -16.21
C ILE A 279 18.46 32.41 -16.58
N ASN A 280 17.93 33.11 -15.59
CA ASN A 280 16.80 34.02 -15.79
C ASN A 280 17.15 35.51 -15.64
N GLY A 281 18.29 35.91 -16.19
CA GLY A 281 18.76 37.30 -16.07
C GLY A 281 20.04 37.53 -16.86
N ALA B 1 -17.56 8.93 17.20
CA ALA B 1 -16.52 8.60 16.17
C ALA B 1 -15.59 7.48 16.71
N GLU B 2 -15.54 6.38 15.95
N GLU B 2 -15.52 6.34 16.03
N GLU B 2 -15.49 6.38 15.95
CA GLU B 2 -14.62 5.25 16.21
CA GLU B 2 -14.62 5.31 16.55
CA GLU B 2 -14.60 5.29 16.33
C GLU B 2 -13.16 5.72 16.03
C GLU B 2 -13.20 5.52 16.03
C GLU B 2 -13.17 5.74 16.07
N TYR B 3 -12.27 5.35 16.96
CA TYR B 3 -10.84 5.55 16.76
C TYR B 3 -10.36 4.80 15.53
N GLN B 4 -9.67 5.46 14.60
CA GLN B 4 -9.31 4.82 13.32
C GLN B 4 -7.90 4.21 13.26
N ASN B 5 -7.08 4.46 14.26
CA ASN B 5 -5.71 3.95 14.32
C ASN B 5 -4.77 4.41 13.21
N ILE B 6 -5.00 5.65 12.72
CA ILE B 6 -4.09 6.31 11.77
C ILE B 6 -2.98 7.01 12.57
N PHE B 7 -3.39 7.67 13.64
CA PHE B 7 -2.47 8.23 14.65
C PHE B 7 -2.69 7.56 15.96
N SER B 8 -1.62 7.44 16.74
CA SER B 8 -1.68 6.87 18.07
C SER B 8 -2.29 7.82 19.04
N GLN B 9 -3.05 7.29 20.01
CA GLN B 9 -3.64 8.12 21.07
C GLN B 9 -2.71 8.40 22.25
N VAL B 10 -1.99 7.36 22.69
CA VAL B 10 -1.04 7.43 23.82
C VAL B 10 0.29 6.87 23.30
N GLN B 11 1.38 7.60 23.46
CA GLN B 11 2.70 7.05 23.16
C GLN B 11 3.37 6.54 24.46
N VAL B 12 4.05 5.40 24.36
CA VAL B 12 4.82 4.91 25.48
C VAL B 12 6.26 4.89 25.02
N ARG B 13 7.16 5.10 25.97
CA ARG B 13 8.57 4.98 25.67
C ARG B 13 9.28 4.14 26.74
N GLY B 14 10.27 3.37 26.30
CA GLY B 14 11.18 2.66 27.20
C GLY B 14 12.62 2.88 26.81
N PRO B 15 13.54 2.08 27.39
CA PRO B 15 14.95 2.16 27.07
C PRO B 15 15.18 1.98 25.57
N ALA B 16 16.10 2.76 25.03
CA ALA B 16 16.49 2.68 23.64
C ALA B 16 16.66 1.21 23.27
N ASP B 17 16.04 0.82 22.16
CA ASP B 17 16.22 -0.48 21.61
C ASP B 17 17.43 -0.47 20.69
N LEU B 18 18.46 -1.21 21.11
CA LEU B 18 19.74 -1.27 20.41
C LEU B 18 19.74 -2.39 19.37
N GLY B 19 18.64 -3.13 19.31
CA GLY B 19 18.39 -4.05 18.20
C GLY B 19 18.99 -5.42 18.41
N MET B 20 18.74 -6.32 17.47
CA MET B 20 19.29 -7.68 17.51
C MET B 20 20.74 -7.68 17.07
N THR B 21 21.47 -8.65 17.55
CA THR B 21 22.89 -8.74 17.34
C THR B 21 23.18 -9.69 16.19
N GLU B 22 22.65 -10.90 16.28
CA GLU B 22 23.03 -12.02 15.40
C GLU B 22 24.51 -11.86 15.09
N ASP B 23 24.87 -11.85 13.79
CA ASP B 23 26.27 -11.78 13.38
C ASP B 23 26.80 -10.38 13.07
N VAL B 24 26.04 -9.34 13.43
CA VAL B 24 26.41 -7.96 13.13
C VAL B 24 27.62 -7.53 13.94
N ASN B 25 28.60 -6.92 13.26
CA ASN B 25 29.73 -6.32 13.96
C ASN B 25 29.28 -5.07 14.72
N LEU B 26 29.15 -5.20 16.04
CA LEU B 26 28.62 -4.12 16.87
C LEU B 26 29.55 -2.91 16.96
N ALA B 27 30.83 -3.06 16.65
CA ALA B 27 31.74 -1.92 16.69
C ALA B 27 31.28 -0.86 15.68
N ASN B 28 30.62 -1.31 14.61
CA ASN B 28 30.19 -0.39 13.58
C ASN B 28 28.77 0.21 13.78
N ARG B 29 28.10 0.00 14.93
CA ARG B 29 26.80 0.68 15.11
C ARG B 29 26.99 1.90 15.96
N SER B 30 26.35 2.99 15.59
CA SER B 30 26.27 4.18 16.44
C SER B 30 25.50 3.86 17.73
N GLY B 31 25.41 4.85 18.62
CA GLY B 31 24.41 4.85 19.66
C GLY B 31 23.09 5.37 19.11
N VAL B 32 22.01 5.14 19.83
CA VAL B 32 20.74 5.71 19.47
C VAL B 32 20.81 7.19 19.33
N GLY B 33 20.01 7.74 18.44
CA GLY B 33 19.84 9.19 18.30
C GLY B 33 18.71 9.61 19.19
N PRO B 34 18.20 10.84 19.01
CA PRO B 34 17.08 11.31 19.82
C PRO B 34 15.76 10.58 19.55
N PHE B 35 14.77 10.84 20.38
CA PHE B 35 13.44 10.31 20.18
C PHE B 35 12.55 11.45 19.74
N SER B 36 11.72 11.19 18.74
CA SER B 36 10.88 12.23 18.18
C SER B 36 9.43 11.92 18.51
N THR B 37 8.91 12.57 19.53
CA THR B 37 7.51 12.47 19.88
C THR B 37 6.64 12.80 18.65
N LEU B 38 7.13 13.69 17.79
CA LEU B 38 6.40 14.03 16.59
C LEU B 38 6.25 12.81 15.71
N LEU B 39 7.36 12.17 15.29
CA LEU B 39 7.26 10.90 14.51
C LEU B 39 6.36 9.86 15.23
N GLY B 40 6.53 9.79 16.55
CA GLY B 40 5.81 8.87 17.42
C GLY B 40 4.30 8.81 17.34
N TRP B 41 3.67 9.90 16.90
CA TRP B 41 2.24 9.85 16.62
C TRP B 41 1.90 8.93 15.46
N PHE B 42 2.86 8.72 14.58
CA PHE B 42 2.55 7.97 13.35
C PHE B 42 3.30 6.62 13.26
N GLY B 43 4.55 6.64 13.68
CA GLY B 43 5.41 5.47 13.64
C GLY B 43 6.24 5.46 14.91
N ASN B 44 7.38 4.79 14.85
CA ASN B 44 8.30 4.71 15.95
C ASN B 44 8.91 6.08 16.22
N ALA B 45 9.22 6.36 17.49
CA ALA B 45 9.75 7.65 17.92
C ALA B 45 11.28 7.65 17.89
N GLN B 46 11.87 6.46 17.97
CA GLN B 46 13.30 6.31 18.12
C GLN B 46 14.03 6.54 16.81
N LEU B 47 15.09 7.33 16.87
CA LEU B 47 15.95 7.54 15.74
C LEU B 47 17.28 6.86 16.08
N GLY B 48 17.88 6.21 15.10
CA GLY B 48 19.12 5.45 15.31
C GLY B 48 18.87 4.18 16.08
N PRO B 49 19.93 3.40 16.35
CA PRO B 49 21.28 3.61 15.84
C PRO B 49 21.34 3.24 14.36
N ILE B 50 22.43 3.62 13.72
CA ILE B 50 22.70 3.24 12.36
C ILE B 50 24.00 2.44 12.32
N TYR B 51 24.11 1.52 11.36
CA TYR B 51 25.31 0.76 11.12
C TYR B 51 26.13 1.49 10.07
N LEU B 52 27.39 1.78 10.34
CA LEU B 52 28.23 2.42 9.35
C LEU B 52 29.56 1.70 9.28
N GLY B 53 29.64 0.62 8.51
CA GLY B 53 30.94 0.02 8.16
C GLY B 53 31.69 0.82 7.09
N SER B 54 32.67 0.19 6.42
CA SER B 54 33.48 0.85 5.36
C SER B 54 32.71 1.06 4.02
N LEU B 55 31.78 0.15 3.73
CA LEU B 55 30.99 0.26 2.52
C LEU B 55 29.97 1.37 2.68
N GLY B 56 29.49 1.56 3.91
CA GLY B 56 28.58 2.68 4.17
C GLY B 56 29.32 4.00 4.07
N VAL B 57 30.54 4.04 4.59
CA VAL B 57 31.29 5.27 4.59
C VAL B 57 31.59 5.63 3.15
N LEU B 58 31.92 4.63 2.35
CA LEU B 58 32.19 4.83 0.93
C LEU B 58 30.97 5.40 0.23
N SER B 59 29.83 4.77 0.45
CA SER B 59 28.58 5.13 -0.23
C SER B 59 28.13 6.53 0.11
N LEU B 60 28.05 6.88 1.40
CA LEU B 60 27.76 8.27 1.78
C LEU B 60 28.73 9.27 1.17
N PHE B 61 30.02 9.00 1.34
CA PHE B 61 31.00 9.93 0.86
C PHE B 61 30.82 10.20 -0.62
N SER B 62 30.52 9.12 -1.35
CA SER B 62 30.41 9.17 -2.79
C SER B 62 29.14 9.92 -3.14
N GLY B 63 28.08 9.58 -2.43
CA GLY B 63 26.82 10.26 -2.60
C GLY B 63 26.96 11.75 -2.36
N LEU B 64 27.73 12.12 -1.33
CA LEU B 64 28.00 13.53 -1.04
C LEU B 64 28.79 14.22 -2.15
N MET B 65 29.78 13.51 -2.70
CA MET B 65 30.59 14.05 -3.80
C MET B 65 29.73 14.28 -5.07
N TRP B 66 28.83 13.36 -5.33
CA TRP B 66 27.86 13.51 -6.40
C TRP B 66 27.05 14.81 -6.21
N PHE B 67 26.60 15.03 -4.98
N PHE B 67 26.39 14.92 -5.04
CA PHE B 67 25.88 16.25 -4.59
CA PHE B 67 25.49 16.04 -4.74
C PHE B 67 26.81 17.48 -4.54
C PHE B 67 26.26 17.34 -4.95
N PHE B 68 28.09 17.30 -4.17
N PHE B 68 27.48 17.35 -4.44
CA PHE B 68 29.03 18.41 -4.28
CA PHE B 68 28.28 18.57 -4.44
C PHE B 68 29.15 18.86 -5.72
C PHE B 68 28.96 18.89 -5.78
N THR B 69 29.25 17.89 -6.61
CA THR B 69 29.65 18.16 -8.00
C THR B 69 28.56 18.91 -8.78
N ILE B 70 27.31 18.50 -8.56
CA ILE B 70 26.17 19.17 -9.16
C ILE B 70 26.03 20.58 -8.53
N GLY B 71 26.14 20.62 -7.20
CA GLY B 71 26.01 21.88 -6.44
C GLY B 71 27.02 22.92 -6.86
N ILE B 72 28.29 22.53 -7.01
CA ILE B 72 29.30 23.47 -7.49
C ILE B 72 28.91 24.02 -8.85
N TRP B 73 28.48 23.13 -9.78
CA TRP B 73 28.03 23.60 -11.10
C TRP B 73 26.86 24.60 -10.97
N PHE B 74 25.85 24.24 -10.19
CA PHE B 74 24.71 25.13 -9.98
C PHE B 74 25.17 26.50 -9.48
N TRP B 75 25.90 26.55 -8.37
CA TRP B 75 26.43 27.82 -7.84
C TRP B 75 27.16 28.62 -8.88
N TYR B 76 27.94 27.94 -9.71
CA TYR B 76 28.61 28.59 -10.84
C TYR B 76 27.60 29.12 -11.85
N GLN B 77 26.61 28.32 -12.22
CA GLN B 77 25.57 28.83 -13.13
C GLN B 77 24.89 30.10 -12.57
N ALA B 78 24.75 30.13 -11.25
CA ALA B 78 24.11 31.25 -10.53
C ALA B 78 24.99 32.50 -10.39
N GLY B 79 26.15 32.53 -11.04
CA GLY B 79 27.15 33.56 -10.78
C GLY B 79 27.46 33.74 -9.29
N TRP B 80 27.59 32.64 -8.56
CA TRP B 80 27.97 32.68 -7.14
C TRP B 80 27.07 33.58 -6.28
N ASN B 81 25.82 33.77 -6.67
CA ASN B 81 24.95 34.74 -6.01
C ASN B 81 23.78 33.98 -5.40
N PRO B 82 23.68 33.98 -4.07
CA PRO B 82 22.66 33.15 -3.43
C PRO B 82 21.23 33.56 -3.76
N ALA B 83 20.99 34.84 -4.01
CA ALA B 83 19.69 35.31 -4.52
C ALA B 83 19.34 34.54 -5.82
N VAL B 84 20.22 34.64 -6.81
CA VAL B 84 20.08 33.96 -8.09
C VAL B 84 20.04 32.43 -7.94
N PHE B 85 20.89 31.87 -7.08
CA PHE B 85 20.88 30.43 -6.86
C PHE B 85 19.49 29.91 -6.43
N LEU B 86 18.86 30.64 -5.52
CA LEU B 86 17.53 30.26 -5.01
C LEU B 86 16.47 30.55 -6.10
N ARG B 87 16.63 31.69 -6.77
CA ARG B 87 15.68 32.10 -7.79
C ARG B 87 15.56 31.03 -8.90
N ASP B 88 16.70 30.65 -9.47
CA ASP B 88 16.77 29.80 -10.65
C ASP B 88 17.07 28.34 -10.36
N LEU B 89 16.85 27.90 -9.13
CA LEU B 89 17.29 26.56 -8.68
C LEU B 89 16.83 25.42 -9.60
N PHE B 90 15.58 25.48 -10.02
CA PHE B 90 14.99 24.42 -10.82
C PHE B 90 15.38 24.49 -12.30
N PHE B 91 16.02 25.59 -12.71
CA PHE B 91 16.46 25.79 -14.10
C PHE B 91 17.89 25.41 -14.34
N PHE B 92 18.66 25.23 -13.28
CA PHE B 92 20.08 24.90 -13.45
C PHE B 92 20.18 23.47 -13.92
N SER B 93 21.22 23.20 -14.71
CA SER B 93 21.40 21.85 -15.24
C SER B 93 22.86 21.51 -15.46
N LEU B 94 23.27 20.36 -14.93
CA LEU B 94 24.56 19.74 -15.31
C LEU B 94 24.27 18.74 -16.44
N GLU B 95 24.78 19.05 -17.63
CA GLU B 95 24.44 18.36 -18.88
C GLU B 95 25.60 17.45 -19.35
N PRO B 96 25.31 16.28 -19.93
CA PRO B 96 26.31 15.35 -20.38
C PRO B 96 27.07 15.89 -21.58
N PRO B 97 28.16 15.21 -22.00
CA PRO B 97 28.88 15.69 -23.20
C PRO B 97 28.03 15.67 -24.47
N ALA B 98 28.37 16.55 -25.40
CA ALA B 98 27.73 16.58 -26.72
C ALA B 98 27.89 15.24 -27.48
N PRO B 99 27.03 14.99 -28.49
CA PRO B 99 27.18 13.82 -29.36
C PRO B 99 28.60 13.60 -29.91
N GLU B 100 29.32 14.66 -30.23
CA GLU B 100 30.67 14.56 -30.84
C GLU B 100 31.67 13.72 -30.06
N TYR B 101 31.55 13.70 -28.73
CA TYR B 101 32.53 13.04 -27.87
C TYR B 101 32.23 11.56 -27.69
N GLY B 102 31.13 11.11 -28.30
CA GLY B 102 30.71 9.72 -28.23
C GLY B 102 30.74 9.22 -26.78
N LEU B 103 31.43 8.08 -26.59
CA LEU B 103 31.59 7.48 -25.29
C LEU B 103 32.96 7.82 -24.69
N SER B 104 33.68 8.78 -25.26
CA SER B 104 34.99 9.18 -24.73
C SER B 104 34.85 9.95 -23.43
N PHE B 105 35.96 10.12 -22.74
CA PHE B 105 36.08 10.99 -21.54
C PHE B 105 36.86 12.27 -21.87
N ALA B 106 36.95 12.63 -23.14
CA ALA B 106 37.83 13.71 -23.62
C ALA B 106 37.21 15.12 -23.57
N ALA B 107 35.98 15.23 -23.06
CA ALA B 107 35.22 16.49 -23.09
C ALA B 107 35.68 17.46 -22.00
N PRO B 108 35.64 18.77 -22.28
CA PRO B 108 36.01 19.72 -21.19
C PRO B 108 35.07 19.63 -19.97
N LEU B 109 35.61 20.01 -18.82
CA LEU B 109 34.89 20.02 -17.55
C LEU B 109 33.55 20.78 -17.63
N LYS B 110 33.58 22.01 -18.14
CA LYS B 110 32.37 22.84 -18.25
C LYS B 110 31.36 22.32 -19.29
N GLU B 111 31.70 21.22 -19.97
CA GLU B 111 30.95 20.80 -21.14
C GLU B 111 30.86 19.29 -21.27
N GLY B 112 30.78 18.59 -20.14
CA GLY B 112 30.71 17.13 -20.15
C GLY B 112 31.48 16.46 -19.01
N GLY B 113 32.72 16.89 -18.81
CA GLY B 113 33.58 16.31 -17.78
C GLY B 113 32.96 16.25 -16.40
N LEU B 114 32.37 17.36 -15.93
CA LEU B 114 31.69 17.39 -14.63
C LEU B 114 30.46 16.43 -14.56
N TRP B 115 29.77 16.25 -15.68
CA TRP B 115 28.65 15.34 -15.73
C TRP B 115 29.16 13.91 -15.52
N LEU B 116 30.27 13.59 -16.16
CA LEU B 116 30.87 12.24 -16.01
C LEU B 116 31.32 12.05 -14.59
N ILE B 117 32.05 13.01 -14.05
CA ILE B 117 32.45 12.95 -12.64
C ILE B 117 31.24 12.69 -11.71
N ALA B 118 30.19 13.50 -11.85
CA ALA B 118 28.98 13.30 -11.05
C ALA B 118 28.41 11.88 -11.25
N SER B 119 28.27 11.46 -12.51
CA SER B 119 27.73 10.12 -12.78
C SER B 119 28.68 9.05 -12.21
N PHE B 120 29.99 9.30 -12.23
CA PHE B 120 30.91 8.36 -11.62
C PHE B 120 30.55 8.16 -10.15
N PHE B 121 30.45 9.28 -9.42
CA PHE B 121 30.21 9.27 -7.98
C PHE B 121 28.86 8.60 -7.61
N MET B 122 27.89 8.74 -8.51
CA MET B 122 26.57 8.25 -8.24
C MET B 122 26.57 6.75 -8.36
N PHE B 123 27.28 6.29 -9.38
CA PHE B 123 27.46 4.87 -9.67
C PHE B 123 28.11 4.20 -8.48
N VAL B 124 29.17 4.77 -7.98
CA VAL B 124 29.78 4.22 -6.75
C VAL B 124 28.79 4.26 -5.52
N ALA B 125 28.04 5.34 -5.36
CA ALA B 125 27.13 5.48 -4.24
C ALA B 125 25.98 4.42 -4.23
N VAL B 126 25.37 4.23 -5.39
CA VAL B 126 24.28 3.31 -5.53
C VAL B 126 24.71 1.83 -5.35
N TRP B 127 25.79 1.43 -6.02
CA TRP B 127 26.14 0.00 -6.07
C TRP B 127 26.60 -0.44 -4.68
N SER B 128 27.43 0.37 -4.02
CA SER B 128 27.86 0.07 -2.67
C SER B 128 26.71 0.15 -1.68
N TRP B 129 25.75 1.02 -1.94
CA TRP B 129 24.55 1.00 -1.12
C TRP B 129 23.79 -0.32 -1.37
N TRP B 130 23.71 -0.74 -2.63
CA TRP B 130 23.18 -2.06 -2.98
C TRP B 130 23.87 -3.12 -2.16
N GLY B 131 25.19 -3.12 -2.16
CA GLY B 131 25.88 -4.16 -1.44
C GLY B 131 25.53 -4.13 0.07
N ARG B 132 25.44 -2.92 0.58
CA ARG B 132 25.02 -2.69 1.94
C ARG B 132 23.65 -3.36 2.16
N THR B 133 22.69 -3.23 1.26
CA THR B 133 21.39 -3.88 1.53
C THR B 133 21.50 -5.41 1.64
N TYR B 134 22.42 -6.02 0.92
CA TYR B 134 22.59 -7.45 0.98
C TYR B 134 23.27 -7.87 2.32
N LEU B 135 24.37 -7.15 2.62
CA LEU B 135 25.28 -7.47 3.66
C LEU B 135 24.62 -7.27 5.05
N ARG B 136 23.86 -6.20 5.23
CA ARG B 136 23.00 -6.02 6.42
C ARG B 136 21.94 -7.11 6.59
N ALA B 137 21.34 -7.61 5.50
CA ALA B 137 20.43 -8.78 5.59
C ALA B 137 21.19 -10.03 6.09
N GLN B 138 22.34 -10.27 5.48
CA GLN B 138 23.17 -11.40 5.79
C GLN B 138 23.60 -11.42 7.26
N ALA B 139 23.97 -10.25 7.78
CA ALA B 139 24.47 -10.21 9.13
C ALA B 139 23.36 -10.59 10.12
N LEU B 140 22.11 -10.31 9.80
CA LEU B 140 20.97 -10.67 10.65
C LEU B 140 20.32 -12.05 10.31
N GLY B 141 20.94 -12.83 9.41
CA GLY B 141 20.39 -14.14 9.00
C GLY B 141 19.17 -14.08 8.10
N MET B 142 18.81 -12.89 7.64
CA MET B 142 17.59 -12.68 6.86
C MET B 142 17.74 -12.94 5.37
N GLY B 143 16.59 -13.09 4.71
CA GLY B 143 16.59 -13.28 3.26
C GLY B 143 17.04 -12.00 2.55
N LYS B 144 17.29 -12.13 1.25
CA LYS B 144 17.89 -11.08 0.47
C LYS B 144 16.90 -10.37 -0.40
N HIS B 145 15.62 -10.47 -0.05
CA HIS B 145 14.57 -9.97 -0.88
C HIS B 145 14.74 -8.48 -1.13
N THR B 146 15.15 -7.75 -0.12
CA THR B 146 15.33 -6.32 -0.25
C THR B 146 16.40 -6.01 -1.31
N ALA B 147 17.53 -6.71 -1.29
CA ALA B 147 18.58 -6.43 -2.23
C ALA B 147 18.07 -6.84 -3.62
N TRP B 148 17.34 -7.94 -3.70
CA TRP B 148 16.79 -8.29 -4.99
C TRP B 148 15.80 -7.26 -5.49
N ALA B 149 14.96 -6.75 -4.61
CA ALA B 149 14.00 -5.77 -5.01
C ALA B 149 14.70 -4.48 -5.39
N PHE B 150 15.70 -4.07 -4.62
CA PHE B 150 16.41 -2.80 -4.93
C PHE B 150 17.08 -2.89 -6.31
N LEU B 151 17.55 -4.07 -6.64
CA LEU B 151 18.13 -4.35 -7.95
C LEU B 151 17.20 -3.98 -9.16
N SER B 152 15.90 -4.16 -9.01
CA SER B 152 14.93 -3.74 -10.05
C SER B 152 14.86 -2.24 -10.23
N ALA B 153 14.96 -1.49 -9.13
CA ALA B 153 15.05 -0.04 -9.28
C ALA B 153 16.39 0.35 -9.88
N ILE B 154 17.47 -0.36 -9.53
CA ILE B 154 18.81 -0.03 -10.02
C ILE B 154 18.81 -0.23 -11.50
N TRP B 155 18.05 -1.25 -11.93
CA TRP B 155 17.91 -1.61 -13.37
C TRP B 155 17.48 -0.40 -14.22
N LEU B 156 16.37 0.21 -13.90
CA LEU B 156 15.87 1.35 -14.66
C LEU B 156 16.91 2.45 -14.66
N TRP B 157 17.53 2.69 -13.54
CA TRP B 157 18.50 3.80 -13.47
C TRP B 157 19.74 3.50 -14.32
N MET B 158 20.22 2.26 -14.25
CA MET B 158 21.35 1.80 -15.05
C MET B 158 21.06 1.91 -16.55
N VAL B 159 19.87 1.44 -16.94
CA VAL B 159 19.46 1.56 -18.33
C VAL B 159 19.51 3.05 -18.77
N LEU B 160 18.87 3.95 -18.01
CA LEU B 160 18.74 5.36 -18.40
C LEU B 160 20.09 6.06 -18.54
N GLY B 161 20.97 5.79 -17.59
CA GLY B 161 22.18 6.54 -17.42
C GLY B 161 23.44 5.90 -17.95
N PHE B 162 23.47 4.57 -18.03
CA PHE B 162 24.68 3.84 -18.40
C PHE B 162 24.52 2.86 -19.57
N ILE B 163 23.63 1.87 -19.44
CA ILE B 163 23.51 0.78 -20.44
C ILE B 163 23.04 1.31 -21.82
N ARG B 164 21.96 2.08 -21.84
CA ARG B 164 21.42 2.63 -23.09
C ARG B 164 22.30 3.67 -23.69
N PRO B 165 22.81 4.62 -22.89
CA PRO B 165 23.84 5.46 -23.54
C PRO B 165 24.96 4.67 -24.18
N ILE B 166 25.43 3.59 -23.53
CA ILE B 166 26.59 2.83 -24.07
C ILE B 166 26.21 2.16 -25.40
N LEU B 167 25.06 1.48 -25.40
CA LEU B 167 24.54 0.87 -26.61
C LEU B 167 24.26 1.86 -27.71
N MET B 168 23.79 3.07 -27.43
CA MET B 168 23.60 4.10 -28.47
C MET B 168 24.90 4.72 -28.95
N GLY B 169 26.02 4.45 -28.32
CA GLY B 169 27.28 5.04 -28.77
C GLY B 169 27.66 6.44 -28.30
N SER B 170 26.89 7.02 -27.37
CA SER B 170 27.26 8.32 -26.76
C SER B 170 26.59 8.67 -25.44
N TRP B 171 27.35 9.41 -24.61
CA TRP B 171 26.91 9.86 -23.28
C TRP B 171 25.81 10.94 -23.37
N SER B 172 25.71 11.59 -24.53
CA SER B 172 24.70 12.60 -24.77
C SER B 172 23.30 12.04 -24.69
N GLU B 173 23.16 10.73 -24.76
CA GLU B 173 21.86 10.08 -24.57
C GLU B 173 21.44 9.93 -23.13
N ALA B 174 22.34 10.21 -22.18
CA ALA B 174 22.03 10.09 -20.72
C ALA B 174 21.26 11.33 -20.20
N VAL B 175 20.78 11.25 -18.96
CA VAL B 175 19.89 12.26 -18.42
C VAL B 175 20.73 13.31 -17.71
N PRO B 176 20.42 14.62 -17.91
CA PRO B 176 21.11 15.73 -17.24
C PRO B 176 20.74 15.81 -15.78
N TYR B 177 21.57 16.43 -14.96
CA TYR B 177 21.28 16.57 -13.53
C TYR B 177 20.63 17.95 -13.39
N GLY B 178 19.31 17.97 -13.22
CA GLY B 178 18.57 19.22 -13.10
C GLY B 178 17.11 18.91 -12.90
N ILE B 179 16.38 19.74 -12.16
CA ILE B 179 14.99 19.45 -11.88
C ILE B 179 14.16 19.61 -13.17
N PHE B 180 14.06 20.83 -13.67
CA PHE B 180 13.36 21.03 -14.92
C PHE B 180 14.04 20.29 -16.08
N SER B 181 15.37 20.32 -16.16
CA SER B 181 16.03 19.78 -17.33
C SER B 181 15.75 18.28 -17.46
N HIS B 182 15.59 17.58 -16.37
CA HIS B 182 15.31 16.14 -16.47
C HIS B 182 13.85 15.82 -16.84
N LEU B 183 12.92 16.71 -16.48
CA LEU B 183 11.53 16.62 -16.92
C LEU B 183 11.49 16.87 -18.45
N ASP B 184 12.20 17.90 -18.90
CA ASP B 184 12.28 18.17 -20.35
C ASP B 184 12.85 17.01 -21.10
N TRP B 185 13.95 16.45 -20.60
CA TRP B 185 14.56 15.23 -21.17
C TRP B 185 13.56 14.09 -21.36
N THR B 186 12.75 13.82 -20.33
CA THR B 186 11.74 12.77 -20.34
C THR B 186 10.66 13.02 -21.40
N ASN B 187 10.19 14.25 -21.49
CA ASN B 187 9.19 14.63 -22.49
C ASN B 187 9.78 14.44 -23.89
N ASN B 188 10.95 15.02 -24.11
CA ASN B 188 11.65 14.91 -25.38
C ASN B 188 11.88 13.44 -25.75
N PHE B 189 12.28 12.63 -24.80
CA PHE B 189 12.47 11.21 -25.05
C PHE B 189 11.23 10.52 -25.71
N SER B 190 10.04 10.84 -25.23
CA SER B 190 8.82 10.28 -25.71
C SER B 190 8.50 10.79 -27.11
N LEU B 191 8.56 12.11 -27.29
CA LEU B 191 8.33 12.76 -28.59
C LEU B 191 9.17 12.16 -29.70
N VAL B 192 10.44 12.04 -29.40
CA VAL B 192 11.46 11.60 -30.34
C VAL B 192 11.35 10.07 -30.57
N HIS B 193 10.73 9.32 -29.64
CA HIS B 193 10.52 7.87 -29.86
C HIS B 193 9.08 7.53 -30.25
N GLY B 194 8.36 8.48 -30.83
CA GLY B 194 7.06 8.22 -31.39
C GLY B 194 5.95 8.01 -30.37
N ASN B 195 6.15 8.55 -29.16
CA ASN B 195 5.13 8.56 -28.09
C ASN B 195 5.15 7.30 -27.29
N LEU B 196 5.60 7.42 -26.04
CA LEU B 196 5.86 6.25 -25.20
C LEU B 196 4.56 5.56 -24.83
N PHE B 197 3.42 6.24 -25.00
CA PHE B 197 2.17 5.55 -24.77
C PHE B 197 1.98 4.32 -25.69
N TYR B 198 2.72 4.25 -26.81
CA TYR B 198 2.58 3.09 -27.71
C TYR B 198 3.65 2.05 -27.37
N ASN B 199 4.45 2.30 -26.34
CA ASN B 199 5.40 1.28 -25.89
C ASN B 199 4.69 0.33 -24.93
N PRO B 200 4.56 -0.95 -25.29
CA PRO B 200 3.79 -1.87 -24.41
C PRO B 200 4.44 -2.00 -23.04
N PHE B 201 5.76 -1.91 -22.97
CA PHE B 201 6.42 -1.92 -21.70
C PHE B 201 6.14 -0.72 -20.80
N HIS B 202 5.93 0.44 -21.40
CA HIS B 202 5.57 1.63 -20.69
C HIS B 202 4.15 1.47 -20.13
N GLY B 203 3.25 0.92 -20.93
CA GLY B 203 1.90 0.68 -20.45
C GLY B 203 1.89 -0.26 -19.25
N LEU B 204 2.72 -1.31 -19.31
CA LEU B 204 2.82 -2.30 -18.27
C LEU B 204 3.35 -1.59 -17.02
N SER B 205 4.34 -0.74 -17.22
CA SER B 205 4.90 -0.01 -16.11
C SER B 205 3.80 0.83 -15.42
N ILE B 206 3.03 1.54 -16.18
CA ILE B 206 1.92 2.26 -15.59
C ILE B 206 0.97 1.32 -14.81
N ALA B 207 0.65 0.17 -15.40
CA ALA B 207 -0.30 -0.77 -14.76
C ALA B 207 0.26 -1.14 -13.38
N PHE B 208 1.57 -1.40 -13.28
CA PHE B 208 2.16 -1.75 -12.04
C PHE B 208 2.32 -0.59 -11.03
N LEU B 209 2.58 0.64 -11.54
CA LEU B 209 2.75 1.80 -10.70
C LEU B 209 1.39 2.09 -10.11
N TYR B 210 0.35 2.19 -10.95
CA TYR B 210 -1.00 2.38 -10.43
C TYR B 210 -1.39 1.19 -9.51
N GLY B 211 -1.08 -0.02 -9.92
CA GLY B 211 -1.41 -1.22 -9.19
C GLY B 211 -0.75 -1.24 -7.82
N SER B 212 0.44 -0.68 -7.71
CA SER B 212 1.14 -0.53 -6.43
C SER B 212 0.37 0.39 -5.47
N ALA B 213 -0.22 1.44 -6.00
CA ALA B 213 -1.03 2.30 -5.17
C ALA B 213 -2.34 1.57 -4.77
N LEU B 214 -3.02 0.96 -5.74
CA LEU B 214 -4.14 0.08 -5.50
C LEU B 214 -3.81 -0.92 -4.38
N LEU B 215 -2.69 -1.66 -4.53
CA LEU B 215 -2.37 -2.73 -3.67
C LEU B 215 -2.00 -2.29 -2.24
N PHE B 216 -1.28 -1.18 -2.11
CA PHE B 216 -0.84 -0.82 -0.82
C PHE B 216 -2.00 -0.10 -0.13
N ALA B 217 -2.84 0.57 -0.90
CA ALA B 217 -4.07 1.13 -0.27
C ALA B 217 -4.94 -0.08 0.31
N MET B 218 -5.13 -1.10 -0.51
CA MET B 218 -5.87 -2.27 -0.12
C MET B 218 -5.26 -2.86 1.15
N HIS B 219 -3.94 -3.10 1.11
CA HIS B 219 -3.26 -3.84 2.11
C HIS B 219 -3.16 -3.03 3.41
N GLY B 220 -2.71 -1.76 3.31
CA GLY B 220 -2.50 -0.95 4.50
C GLY B 220 -3.87 -0.76 5.13
N ALA B 221 -4.91 -0.55 4.31
CA ALA B 221 -6.28 -0.33 4.81
C ALA B 221 -6.73 -1.61 5.53
N THR B 222 -6.35 -2.79 4.96
CA THR B 222 -6.84 -4.07 5.42
C THR B 222 -6.26 -4.34 6.84
N ILE B 223 -4.92 -4.18 6.96
CA ILE B 223 -4.18 -4.36 8.20
C ILE B 223 -4.67 -3.38 9.27
N LEU B 224 -4.86 -2.14 8.94
CA LEU B 224 -5.44 -1.22 9.90
C LEU B 224 -6.85 -1.64 10.29
N ALA B 225 -7.67 -2.02 9.33
CA ALA B 225 -9.02 -2.58 9.61
C ALA B 225 -9.00 -3.78 10.56
N VAL B 226 -7.91 -4.56 10.59
CA VAL B 226 -7.86 -5.70 11.50
C VAL B 226 -6.81 -5.49 12.58
N SER B 227 -6.43 -4.23 12.78
CA SER B 227 -5.48 -3.96 13.84
C SER B 227 -6.10 -4.23 15.25
N ARG B 228 -7.42 -4.17 15.40
CA ARG B 228 -8.13 -4.50 16.66
C ARG B 228 -7.97 -6.03 17.03
N PHE B 229 -7.42 -6.84 16.12
CA PHE B 229 -7.04 -8.25 16.43
C PHE B 229 -5.56 -8.47 16.24
N GLY B 230 -4.77 -7.45 16.33
CA GLY B 230 -3.31 -7.63 16.22
C GLY B 230 -2.78 -7.93 14.83
N GLY B 231 -3.56 -7.57 13.80
CA GLY B 231 -3.23 -7.78 12.41
C GLY B 231 -1.82 -7.38 12.01
N GLU B 232 -1.26 -6.31 12.56
CA GLU B 232 0.02 -5.83 12.00
C GLU B 232 1.17 -6.71 12.41
N ARG B 233 0.92 -7.58 13.39
CA ARG B 233 1.90 -8.55 13.82
C ARG B 233 1.92 -9.71 12.85
N GLU B 234 2.41 -9.41 11.66
CA GLU B 234 2.24 -10.26 10.49
C GLU B 234 3.06 -11.50 10.56
N LEU B 235 4.29 -11.36 11.08
CA LEU B 235 5.12 -12.57 11.14
C LEU B 235 4.47 -13.67 12.02
N GLU B 236 3.92 -13.27 13.15
CA GLU B 236 3.35 -14.27 14.01
C GLU B 236 2.00 -14.76 13.44
N GLN B 237 1.29 -13.90 12.71
CA GLN B 237 0.10 -14.34 12.03
C GLN B 237 0.47 -15.33 10.92
N ILE B 238 1.67 -15.18 10.33
CA ILE B 238 2.15 -16.15 9.36
C ILE B 238 2.38 -17.50 10.03
N ALA B 239 2.95 -17.45 11.21
CA ALA B 239 3.40 -18.65 11.94
C ALA B 239 2.22 -19.33 12.59
N ASP B 240 1.14 -18.58 12.86
CA ASP B 240 0.01 -19.11 13.64
C ASP B 240 -1.19 -18.26 13.28
N ARG B 241 -1.88 -18.62 12.23
CA ARG B 241 -2.98 -17.76 11.74
C ARG B 241 -3.96 -17.35 12.86
N GLY B 242 -4.29 -16.07 12.93
CA GLY B 242 -5.27 -15.60 13.92
C GLY B 242 -6.52 -15.04 13.29
N THR B 243 -7.49 -14.60 14.07
CA THR B 243 -8.76 -14.08 13.47
C THR B 243 -8.55 -12.78 12.64
N ALA B 244 -7.50 -12.04 12.97
CA ALA B 244 -7.01 -10.90 12.09
C ALA B 244 -6.77 -11.44 10.69
N ALA B 245 -5.95 -12.49 10.54
CA ALA B 245 -5.66 -12.95 9.19
C ALA B 245 -6.91 -13.53 8.48
N GLU B 246 -7.80 -14.16 9.26
CA GLU B 246 -9.00 -14.77 8.68
C GLU B 246 -10.01 -13.73 8.28
N ARG B 247 -10.20 -12.68 9.09
CA ARG B 247 -11.17 -11.64 8.69
C ARG B 247 -10.73 -10.85 7.47
N ALA B 248 -9.41 -10.62 7.39
CA ALA B 248 -8.77 -9.95 6.24
C ALA B 248 -8.94 -10.79 4.95
N ALA B 249 -8.62 -12.09 4.99
CA ALA B 249 -8.87 -12.93 3.80
C ALA B 249 -10.34 -12.87 3.37
N LEU B 250 -11.22 -12.90 4.38
CA LEU B 250 -12.62 -13.10 4.08
C LEU B 250 -13.25 -11.80 3.61
N PHE B 251 -12.71 -10.65 4.03
CA PHE B 251 -13.18 -9.42 3.46
C PHE B 251 -13.06 -9.51 1.96
N TRP B 252 -11.90 -9.98 1.50
CA TRP B 252 -11.53 -9.93 0.08
C TRP B 252 -12.22 -11.05 -0.69
N ARG B 253 -12.34 -12.18 -0.02
CA ARG B 253 -13.01 -13.29 -0.65
C ARG B 253 -14.45 -12.91 -0.95
N TRP B 254 -15.13 -12.37 0.05
CA TRP B 254 -16.54 -11.97 -0.07
C TRP B 254 -16.74 -10.81 -1.05
N THR B 255 -15.76 -9.92 -1.16
CA THR B 255 -15.82 -8.82 -2.11
C THR B 255 -15.51 -9.22 -3.57
N MET B 256 -14.35 -9.81 -3.81
CA MET B 256 -13.89 -10.12 -5.16
C MET B 256 -13.70 -11.59 -5.46
N GLY B 257 -14.07 -12.48 -4.53
CA GLY B 257 -14.10 -13.93 -4.84
C GLY B 257 -12.80 -14.70 -4.67
N PHE B 258 -11.77 -14.03 -4.23
CA PHE B 258 -10.52 -14.67 -3.91
C PHE B 258 -9.75 -13.80 -2.90
N ASN B 259 -8.71 -14.39 -2.34
CA ASN B 259 -8.00 -13.74 -1.27
C ASN B 259 -6.53 -14.22 -1.17
N ALA B 260 -5.80 -13.62 -0.23
CA ALA B 260 -4.44 -13.85 -0.01
C ALA B 260 -4.27 -14.58 1.35
N THR B 261 -2.99 -14.82 1.69
CA THR B 261 -2.56 -15.14 3.02
C THR B 261 -1.72 -13.99 3.56
N MET B 262 -1.43 -14.04 4.87
CA MET B 262 -0.60 -13.05 5.48
C MET B 262 0.82 -13.08 4.86
N GLU B 263 1.41 -14.26 4.58
CA GLU B 263 2.68 -14.23 3.90
C GLU B 263 2.42 -13.86 2.44
N GLY B 264 1.46 -14.50 1.81
CA GLY B 264 1.36 -14.36 0.38
C GLY B 264 1.07 -12.95 -0.15
N ILE B 265 0.39 -12.11 0.64
CA ILE B 265 0.06 -10.76 0.24
C ILE B 265 1.39 -10.01 0.03
N HIS B 266 2.42 -10.42 0.80
CA HIS B 266 3.73 -9.81 0.67
C HIS B 266 4.44 -10.23 -0.61
N ARG B 267 4.08 -11.35 -1.18
CA ARG B 267 4.62 -11.74 -2.49
C ARG B 267 3.96 -10.99 -3.69
N TRP B 268 2.62 -10.89 -3.68
CA TRP B 268 1.89 -9.92 -4.55
C TRP B 268 2.48 -8.52 -4.46
N ALA B 269 2.72 -8.07 -3.24
CA ALA B 269 3.29 -6.75 -2.97
C ALA B 269 4.69 -6.62 -3.58
N ILE B 270 5.63 -7.49 -3.21
CA ILE B 270 6.96 -7.28 -3.67
C ILE B 270 6.95 -7.28 -5.19
N TRP B 271 6.12 -8.12 -5.83
CA TRP B 271 6.16 -8.23 -7.26
C TRP B 271 5.50 -7.07 -8.02
N MET B 272 4.39 -6.55 -7.48
CA MET B 272 3.66 -5.49 -8.10
C MET B 272 4.61 -4.32 -8.22
N ALA B 273 5.27 -3.99 -7.13
CA ALA B 273 6.27 -2.91 -7.04
C ALA B 273 7.46 -3.15 -8.01
N VAL B 274 8.16 -4.24 -7.82
CA VAL B 274 9.37 -4.53 -8.59
C VAL B 274 9.13 -4.51 -10.11
N LEU B 275 7.90 -4.84 -10.55
CA LEU B 275 7.60 -4.96 -11.98
C LEU B 275 7.43 -3.55 -12.62
N VAL B 276 7.23 -2.55 -11.76
CA VAL B 276 7.27 -1.19 -12.22
C VAL B 276 8.55 -0.92 -13.00
N THR B 277 9.65 -1.06 -12.32
CA THR B 277 10.89 -0.72 -12.90
C THR B 277 11.48 -1.82 -13.75
N LEU B 278 11.05 -3.10 -13.63
CA LEU B 278 11.60 -4.16 -14.52
C LEU B 278 11.12 -3.93 -15.94
N THR B 279 9.80 -3.85 -16.08
CA THR B 279 9.21 -3.64 -17.38
C THR B 279 9.58 -2.28 -17.85
N GLY B 280 9.59 -1.30 -16.95
CA GLY B 280 9.95 0.08 -17.35
C GLY B 280 11.33 0.11 -18.00
N GLY B 281 12.30 -0.51 -17.36
CA GLY B 281 13.63 -0.53 -17.88
C GLY B 281 13.79 -1.26 -19.20
N ILE B 282 12.91 -2.23 -19.47
CA ILE B 282 12.98 -2.93 -20.73
C ILE B 282 12.52 -1.95 -21.82
N GLY B 283 11.39 -1.30 -21.57
CA GLY B 283 10.82 -0.33 -22.45
C GLY B 283 11.76 0.74 -22.96
N ILE B 284 12.53 1.29 -22.02
CA ILE B 284 13.55 2.30 -22.29
C ILE B 284 14.73 1.69 -23.02
N LEU B 285 15.18 0.51 -22.60
CA LEU B 285 16.37 -0.12 -23.23
C LEU B 285 16.18 -0.37 -24.71
N LEU B 286 14.95 -0.77 -25.04
CA LEU B 286 14.60 -1.13 -26.41
C LEU B 286 14.43 0.13 -27.25
N SER B 287 14.22 1.28 -26.61
CA SER B 287 13.91 2.53 -27.33
C SER B 287 15.13 3.12 -27.92
N GLY B 288 15.15 3.22 -29.26
CA GLY B 288 16.28 3.82 -30.01
C GLY B 288 17.42 2.87 -30.30
N THR B 289 17.42 1.71 -29.66
CA THR B 289 18.36 0.65 -29.94
C THR B 289 17.74 -0.31 -30.96
N VAL B 290 16.47 -0.62 -30.72
CA VAL B 290 15.69 -1.58 -31.50
C VAL B 290 14.41 -0.97 -32.09
N VAL B 291 13.78 -0.02 -31.44
CA VAL B 291 12.55 0.60 -31.94
C VAL B 291 12.76 2.09 -31.91
N ASP B 292 12.78 2.72 -33.07
CA ASP B 292 12.94 4.17 -33.13
C ASP B 292 11.64 4.84 -32.90
N ASN B 293 10.55 4.13 -33.17
CA ASN B 293 9.24 4.77 -33.14
C ASN B 293 8.16 3.78 -32.68
N TRP B 294 7.62 4.01 -31.51
CA TRP B 294 6.65 3.06 -30.96
C TRP B 294 5.30 3.06 -31.65
N TYR B 295 4.85 4.19 -32.15
CA TYR B 295 3.71 4.23 -33.04
C TYR B 295 3.93 3.29 -34.26
N VAL B 296 5.06 3.46 -34.92
CA VAL B 296 5.37 2.68 -36.09
C VAL B 296 5.44 1.19 -35.77
N TRP B 297 6.08 0.86 -34.67
CA TRP B 297 6.28 -0.50 -34.22
C TRP B 297 4.90 -1.11 -33.93
N GLY B 298 4.10 -0.38 -33.19
CA GLY B 298 2.72 -0.72 -32.89
C GLY B 298 1.89 -1.09 -34.11
N GLN B 299 2.18 -0.52 -35.26
CA GLN B 299 1.36 -0.74 -36.43
C GLN B 299 1.75 -2.04 -37.11
N ASN B 300 2.91 -2.59 -36.76
CA ASN B 300 3.45 -3.78 -37.40
C ASN B 300 3.55 -4.99 -36.46
N HIS B 301 3.07 -4.82 -35.25
CA HIS B 301 3.26 -5.80 -34.20
C HIS B 301 2.07 -5.65 -33.25
N GLY B 302 0.86 -5.87 -33.78
CA GLY B 302 -0.40 -5.74 -33.04
C GLY B 302 -1.08 -4.38 -33.18
N GLY C 8 4.56 -9.87 -34.09
CA GLY C 8 5.88 -10.57 -33.93
C GLY C 8 6.80 -10.51 -35.15
N ASN C 9 7.93 -11.24 -35.16
CA ASN C 9 8.58 -11.83 -33.96
C ASN C 9 10.11 -11.99 -34.16
N PHE C 10 10.55 -11.92 -35.42
CA PHE C 10 11.99 -11.68 -35.78
C PHE C 10 12.43 -10.26 -35.40
N ASP C 11 11.73 -9.70 -34.42
CA ASP C 11 12.00 -8.38 -33.88
C ASP C 11 12.10 -8.58 -32.35
N LEU C 12 13.18 -8.06 -31.78
CA LEU C 12 13.51 -8.20 -30.35
C LEU C 12 12.45 -7.66 -29.39
N ALA C 13 11.79 -6.57 -29.75
CA ALA C 13 10.77 -6.01 -28.88
C ALA C 13 9.58 -6.96 -28.84
N SER C 14 9.26 -7.55 -29.99
CA SER C 14 8.16 -8.50 -30.04
C SER C 14 8.45 -9.75 -29.27
N LEU C 15 9.68 -10.22 -29.34
CA LEU C 15 10.05 -11.40 -28.59
C LEU C 15 9.97 -11.09 -27.08
N ALA C 16 10.37 -9.89 -26.71
CA ALA C 16 10.42 -9.51 -25.32
C ALA C 16 9.00 -9.40 -24.76
N ILE C 17 8.07 -8.83 -25.51
CA ILE C 17 6.73 -8.60 -24.95
C ILE C 17 5.94 -9.91 -24.86
N TYR C 18 6.08 -10.75 -25.86
CA TYR C 18 5.52 -12.10 -25.86
C TYR C 18 6.07 -12.91 -24.68
N SER C 19 7.40 -12.90 -24.50
CA SER C 19 8.04 -13.54 -23.37
C SER C 19 7.55 -12.99 -22.03
N PHE C 20 7.40 -11.67 -21.93
CA PHE C 20 6.87 -11.06 -20.70
C PHE C 20 5.47 -11.57 -20.32
N TRP C 21 4.57 -11.70 -21.29
CA TRP C 21 3.23 -12.21 -20.99
C TRP C 21 3.29 -13.63 -20.47
N ILE C 22 4.18 -14.45 -21.03
CA ILE C 22 4.31 -15.86 -20.59
C ILE C 22 4.82 -15.87 -19.16
N PHE C 23 5.83 -15.08 -18.89
CA PHE C 23 6.32 -14.90 -17.57
C PHE C 23 5.26 -14.38 -16.61
N LEU C 24 4.48 -13.39 -17.00
CA LEU C 24 3.46 -12.85 -16.05
C LEU C 24 2.36 -13.88 -15.76
N ALA C 25 1.95 -14.64 -16.75
CA ALA C 25 1.05 -15.78 -16.50
C ALA C 25 1.64 -16.78 -15.47
N GLY C 26 2.93 -17.14 -15.60
CA GLY C 26 3.56 -18.06 -14.65
C GLY C 26 3.67 -17.44 -13.25
N LEU C 27 3.95 -16.15 -13.21
CA LEU C 27 4.08 -15.46 -11.97
C LEU C 27 2.74 -15.45 -11.27
N ILE C 28 1.65 -15.11 -11.99
CA ILE C 28 0.32 -15.07 -11.36
C ILE C 28 -0.06 -16.46 -10.85
N TYR C 29 0.19 -17.47 -11.64
CA TYR C 29 -0.07 -18.83 -11.20
C TYR C 29 0.65 -19.11 -9.88
N TYR C 30 1.96 -18.86 -9.86
CA TYR C 30 2.81 -19.06 -8.68
C TYR C 30 2.26 -18.28 -7.47
N LEU C 31 2.05 -17.00 -7.64
CA LEU C 31 1.46 -16.14 -6.58
C LEU C 31 0.10 -16.64 -6.05
N GLN C 32 -0.79 -17.11 -6.93
CA GLN C 32 -2.07 -17.59 -6.48
C GLN C 32 -1.87 -18.87 -5.68
N THR C 33 -1.02 -19.78 -6.13
CA THR C 33 -0.79 -21.03 -5.38
C THR C 33 -0.12 -20.76 -4.05
N GLU C 34 0.84 -19.83 -4.02
CA GLU C 34 1.43 -19.43 -2.70
C GLU C 34 0.38 -18.97 -1.72
N ASN C 35 -0.64 -18.30 -2.22
CA ASN C 35 -1.76 -17.78 -1.41
C ASN C 35 -2.81 -18.82 -1.02
N MET C 36 -2.56 -20.08 -1.35
CA MET C 36 -3.43 -21.17 -0.96
C MET C 36 -2.80 -22.06 0.14
N ARG C 37 -1.79 -21.53 0.86
CA ARG C 37 -1.14 -22.30 1.92
C ARG C 37 -1.97 -22.31 3.19
N GLU C 38 -3.06 -21.56 3.20
CA GLU C 38 -3.99 -21.59 4.32
C GLU C 38 -5.40 -21.61 3.77
N GLY C 39 -6.25 -22.41 4.40
CA GLY C 39 -7.69 -22.29 4.18
C GLY C 39 -8.22 -23.28 3.20
N TYR C 40 -7.32 -23.97 2.50
CA TYR C 40 -7.67 -24.84 1.37
C TYR C 40 -7.24 -26.19 1.84
N PRO C 41 -7.83 -27.30 1.34
CA PRO C 41 -8.89 -27.32 0.31
C PRO C 41 -10.16 -26.63 0.83
N LEU C 42 -10.88 -26.01 -0.12
CA LEU C 42 -12.22 -25.50 0.12
C LEU C 42 -13.12 -26.60 0.60
N GLU C 43 -14.07 -26.18 1.42
CA GLU C 43 -14.96 -27.09 2.10
C GLU C 43 -16.41 -26.74 1.76
N ASN C 44 -17.26 -27.75 1.87
CA ASN C 44 -18.69 -27.46 1.96
C ASN C 44 -19.03 -26.93 3.35
N GLU C 45 -20.26 -26.43 3.46
CA GLU C 45 -20.79 -25.88 4.73
C GLU C 45 -20.79 -26.92 5.86
N ASP C 46 -20.88 -28.20 5.53
CA ASP C 46 -20.72 -29.27 6.55
C ASP C 46 -19.26 -29.63 6.87
N GLY C 47 -18.30 -28.94 6.29
CA GLY C 47 -16.91 -29.22 6.62
C GLY C 47 -16.20 -30.30 5.83
N THR C 48 -16.90 -30.95 4.92
CA THR C 48 -16.33 -31.92 4.04
C THR C 48 -15.70 -31.19 2.86
N PRO C 49 -14.86 -31.89 2.11
CA PRO C 49 -14.16 -31.28 0.97
C PRO C 49 -15.07 -30.93 -0.21
N ALA C 50 -15.02 -29.71 -0.69
CA ALA C 50 -15.84 -29.35 -1.84
C ALA C 50 -15.34 -30.07 -3.08
N ALA C 51 -16.26 -30.21 -4.03
CA ALA C 51 -16.04 -30.89 -5.30
C ALA C 51 -15.17 -30.02 -6.24
N ASN C 52 -15.44 -28.71 -6.28
CA ASN C 52 -14.76 -27.80 -7.18
C ASN C 52 -13.75 -27.04 -6.40
N GLN C 53 -12.50 -27.51 -6.46
CA GLN C 53 -11.35 -26.79 -5.88
C GLN C 53 -10.82 -25.60 -6.70
N GLY C 54 -11.30 -25.38 -7.89
CA GLY C 54 -10.68 -24.36 -8.75
C GLY C 54 -9.64 -24.98 -9.66
N PRO C 55 -9.10 -24.18 -10.59
CA PRO C 55 -8.06 -24.71 -11.47
C PRO C 55 -6.61 -24.58 -10.93
N PHE C 56 -6.41 -23.99 -9.75
CA PHE C 56 -5.04 -23.92 -9.17
C PHE C 56 -4.84 -25.05 -8.15
N PRO C 57 -3.74 -25.83 -8.26
CA PRO C 57 -3.54 -26.91 -7.30
C PRO C 57 -2.84 -26.38 -6.08
N LEU C 58 -2.87 -27.16 -5.01
CA LEU C 58 -2.19 -26.79 -3.80
C LEU C 58 -0.69 -26.84 -4.07
N PRO C 59 0.05 -25.85 -3.54
CA PRO C 59 1.49 -25.94 -3.69
C PRO C 59 2.07 -27.04 -2.84
N LYS C 60 3.31 -27.40 -3.21
CA LYS C 60 4.21 -28.21 -2.34
C LYS C 60 4.38 -27.52 -0.94
N PRO C 61 4.27 -28.28 0.14
CA PRO C 61 4.41 -27.62 1.44
C PRO C 61 5.80 -26.96 1.65
N LYS C 62 5.81 -25.93 2.48
CA LYS C 62 7.02 -25.37 2.97
C LYS C 62 6.94 -25.49 4.48
N THR C 63 8.12 -25.50 5.13
CA THR C 63 8.18 -25.48 6.59
C THR C 63 8.90 -24.27 7.18
N PHE C 64 8.17 -23.50 8.00
CA PHE C 64 8.77 -22.41 8.80
C PHE C 64 9.31 -22.98 10.10
N ILE C 65 10.56 -22.65 10.40
CA ILE C 65 11.17 -23.07 11.66
C ILE C 65 10.90 -21.94 12.64
N LEU C 66 10.15 -22.20 13.69
CA LEU C 66 9.82 -21.11 14.58
C LEU C 66 10.92 -20.94 15.63
N PRO C 67 11.16 -19.70 16.06
CA PRO C 67 12.18 -19.41 17.09
C PRO C 67 11.91 -19.97 18.49
N HIS C 68 12.92 -19.98 19.33
CA HIS C 68 12.74 -20.34 20.76
C HIS C 68 12.10 -21.70 21.03
N GLY C 69 12.44 -22.71 20.23
CA GLY C 69 12.00 -24.10 20.49
C GLY C 69 10.51 -24.33 20.31
N ARG C 70 9.84 -23.39 19.63
CA ARG C 70 8.40 -23.47 19.40
C ARG C 70 8.02 -24.42 18.25
N GLY C 71 8.99 -25.03 17.61
CA GLY C 71 8.70 -26.04 16.61
C GLY C 71 8.64 -25.46 15.21
N THR C 72 7.72 -25.98 14.41
CA THR C 72 7.59 -25.61 13.02
C THR C 72 6.12 -25.47 12.60
N LEU C 73 5.90 -24.84 11.46
CA LEU C 73 4.61 -24.81 10.81
C LEU C 73 4.87 -25.26 9.40
N THR C 74 4.12 -26.28 8.98
CA THR C 74 4.17 -26.80 7.60
C THR C 74 2.82 -26.57 6.93
N VAL C 75 2.82 -25.79 5.85
CA VAL C 75 1.64 -25.41 5.11
C VAL C 75 1.88 -25.58 3.60
N PRO C 76 0.91 -26.09 2.86
CA PRO C 76 -0.38 -26.54 3.32
C PRO C 76 -0.26 -27.76 4.21
N GLY C 77 -1.15 -27.85 5.17
CA GLY C 77 -1.36 -29.09 5.91
C GLY C 77 -2.82 -29.20 6.28
N PRO C 78 -3.16 -30.25 7.04
CA PRO C 78 -4.54 -30.59 7.46
C PRO C 78 -5.23 -29.44 8.18
N GLU C 79 -6.31 -28.93 7.61
CA GLU C 79 -7.00 -27.78 8.18
C GLU C 79 -8.02 -28.27 9.19
N SER C 80 -8.18 -27.57 10.25
CA SER C 80 -9.05 -28.00 11.28
C SER C 80 -9.24 -26.81 12.21
N GLU C 81 -10.48 -26.53 12.58
CA GLU C 81 -10.84 -25.42 13.46
C GLU C 81 -10.33 -25.63 14.90
N ASP C 82 -10.24 -26.90 15.34
CA ASP C 82 -9.91 -27.29 16.70
C ASP C 82 -10.72 -26.63 17.78
N ARG C 83 -11.99 -26.39 17.49
CA ARG C 83 -12.93 -25.78 18.45
C ARG C 83 -14.35 -25.99 17.91
N PRO C 84 -15.35 -26.10 18.81
CA PRO C 84 -16.77 -26.23 18.35
C PRO C 84 -17.34 -24.90 17.84
N ILE C 85 -18.16 -24.95 16.78
CA ILE C 85 -18.71 -23.75 16.17
C ILE C 85 -20.21 -23.81 16.37
N ALA C 86 -20.67 -23.05 17.37
CA ALA C 86 -22.10 -22.98 17.77
C ALA C 86 -22.95 -22.23 16.71
N LEU C 87 -23.09 -22.80 15.54
CA LEU C 87 -23.91 -22.22 14.45
C LEU C 87 -24.70 -23.34 13.80
N ALA C 88 -25.81 -22.98 13.18
CA ALA C 88 -26.64 -23.93 12.44
C ALA C 88 -27.26 -23.26 11.21
N ARG C 89 -27.53 -24.08 10.21
CA ARG C 89 -28.09 -23.59 8.97
C ARG C 89 -29.44 -22.92 9.14
N THR C 90 -29.75 -21.98 8.27
CA THR C 90 -31.03 -21.28 8.26
C THR C 90 -31.78 -21.53 6.97
N ALA C 91 -31.22 -22.36 6.07
CA ALA C 91 -31.78 -22.64 4.73
C ALA C 91 -31.52 -24.10 4.40
N VAL C 92 -32.26 -24.64 3.43
CA VAL C 92 -32.06 -25.99 2.98
C VAL C 92 -31.07 -26.08 1.80
N SER C 93 -30.44 -24.97 1.44
CA SER C 93 -29.44 -25.01 0.37
C SER C 93 -28.24 -24.10 0.69
N GLU C 94 -27.16 -24.22 -0.10
N GLU C 94 -27.28 -24.12 -0.24
CA GLU C 94 -25.90 -23.53 0.25
CA GLU C 94 -25.96 -23.53 -0.09
C GLU C 94 -26.01 -22.06 -0.06
C GLU C 94 -26.07 -21.99 -0.09
N GLY C 95 -25.27 -21.29 0.69
CA GLY C 95 -25.13 -19.85 0.48
C GLY C 95 -25.82 -18.89 1.43
N PHE C 96 -26.49 -19.41 2.45
CA PHE C 96 -27.19 -18.53 3.40
C PHE C 96 -26.46 -18.45 4.71
N PRO C 97 -26.81 -17.46 5.55
CA PRO C 97 -26.21 -17.34 6.85
C PRO C 97 -26.46 -18.54 7.75
N HIS C 98 -25.63 -18.62 8.76
CA HIS C 98 -25.71 -19.65 9.75
C HIS C 98 -25.94 -18.96 11.07
N ALA C 99 -27.05 -19.31 11.70
CA ALA C 99 -27.52 -18.64 12.92
C ALA C 99 -26.82 -19.20 14.13
N PRO C 100 -26.41 -18.32 15.05
CA PRO C 100 -25.89 -18.78 16.31
C PRO C 100 -26.94 -19.59 17.04
N THR C 101 -26.51 -20.69 17.67
CA THR C 101 -27.38 -21.60 18.39
C THR C 101 -27.51 -21.25 19.86
N GLY C 102 -26.64 -20.39 20.34
CA GLY C 102 -26.67 -19.84 21.70
C GLY C 102 -26.37 -18.35 21.63
N ASP C 103 -25.60 -17.85 22.60
CA ASP C 103 -25.18 -16.44 22.65
C ASP C 103 -23.88 -16.26 21.83
N PRO C 104 -23.94 -15.54 20.71
CA PRO C 104 -22.77 -15.50 19.82
C PRO C 104 -21.50 -14.88 20.43
N MET C 105 -21.69 -14.00 21.40
CA MET C 105 -20.55 -13.43 22.12
C MET C 105 -19.85 -14.47 22.98
N LYS C 106 -20.60 -15.26 23.76
CA LYS C 106 -20.00 -16.34 24.60
C LYS C 106 -19.45 -17.48 23.76
N ASP C 107 -20.16 -17.79 22.68
CA ASP C 107 -19.79 -18.92 21.84
C ASP C 107 -18.70 -18.57 20.87
N GLY C 108 -18.46 -17.26 20.68
CA GLY C 108 -17.36 -16.78 19.87
C GLY C 108 -17.54 -17.12 18.42
N VAL C 109 -18.69 -16.72 17.86
CA VAL C 109 -18.95 -16.92 16.46
C VAL C 109 -19.26 -15.59 15.81
N GLY C 110 -19.39 -15.58 14.50
CA GLY C 110 -19.72 -14.33 13.90
C GLY C 110 -18.58 -13.34 14.07
N PRO C 111 -18.89 -12.03 14.19
CA PRO C 111 -17.82 -11.06 14.47
C PRO C 111 -17.25 -11.15 15.91
N ALA C 112 -17.82 -12.03 16.73
CA ALA C 112 -17.17 -12.38 17.98
C ALA C 112 -16.17 -13.55 17.84
N SER C 113 -15.86 -13.95 16.61
CA SER C 113 -15.07 -15.17 16.38
C SER C 113 -13.63 -15.06 16.89
N TRP C 114 -13.07 -16.16 17.37
CA TRP C 114 -11.69 -16.25 17.70
C TRP C 114 -11.08 -17.50 17.07
N VAL C 115 -9.75 -17.49 16.86
CA VAL C 115 -9.04 -18.67 16.36
C VAL C 115 -8.29 -19.33 17.47
N ALA C 116 -8.06 -20.64 17.32
CA ALA C 116 -7.36 -21.50 18.29
C ALA C 116 -5.85 -21.40 18.05
N ARG C 117 -5.34 -20.19 18.22
CA ARG C 117 -3.91 -19.92 18.19
C ARG C 117 -3.28 -20.63 19.38
N ARG C 118 -1.95 -20.80 19.34
CA ARG C 118 -1.23 -21.14 20.52
C ARG C 118 -1.63 -20.38 21.76
N ASP C 119 -1.89 -21.19 22.77
CA ASP C 119 -1.90 -20.83 24.21
C ASP C 119 -0.50 -20.62 24.89
N LEU C 120 0.32 -19.82 24.22
CA LEU C 120 1.55 -19.25 24.74
C LEU C 120 1.62 -17.78 24.31
N PRO C 121 2.39 -16.97 25.01
CA PRO C 121 2.47 -15.60 24.50
C PRO C 121 3.46 -15.51 23.34
N GLU C 122 3.30 -14.44 22.53
CA GLU C 122 4.25 -14.05 21.54
C GLU C 122 5.50 -13.57 22.20
N LEU C 123 6.61 -14.06 21.69
CA LEU C 123 7.93 -13.83 22.24
C LEU C 123 8.61 -12.86 21.36
N ASP C 124 9.49 -12.06 21.95
CA ASP C 124 10.30 -11.15 21.17
C ASP C 124 11.60 -11.78 20.74
N GLY C 125 12.47 -10.96 20.18
CA GLY C 125 13.72 -11.36 19.58
C GLY C 125 14.63 -12.10 20.47
N HIS C 126 14.58 -11.75 21.75
CA HIS C 126 15.34 -12.42 22.82
C HIS C 126 14.59 -13.50 23.56
N GLY C 127 13.42 -13.93 23.11
CA GLY C 127 12.66 -14.93 23.85
C GLY C 127 11.91 -14.40 25.07
N HIS C 128 11.74 -13.08 25.22
CA HIS C 128 10.95 -12.53 26.34
C HIS C 128 9.54 -12.24 25.91
N ASN C 129 8.59 -12.26 26.82
CA ASN C 129 7.18 -11.93 26.44
C ASN C 129 7.10 -10.59 25.74
N LYS C 130 6.47 -10.57 24.59
CA LYS C 130 6.41 -9.35 23.77
C LYS C 130 5.55 -8.26 24.39
N ILE C 131 4.47 -8.66 25.06
CA ILE C 131 3.50 -7.75 25.65
C ILE C 131 3.53 -7.93 27.18
N LYS C 132 3.67 -6.83 27.90
CA LYS C 132 3.67 -6.88 29.39
C LYS C 132 2.87 -5.76 29.92
N PRO C 133 2.35 -5.93 31.14
CA PRO C 133 1.78 -4.76 31.79
C PRO C 133 2.92 -3.77 31.98
N MET C 134 2.66 -2.47 31.74
CA MET C 134 3.70 -1.44 31.88
C MET C 134 4.33 -1.50 33.29
N LYS C 135 3.56 -1.93 34.28
CA LYS C 135 4.12 -1.97 35.65
C LYS C 135 5.29 -2.96 35.66
N ALA C 136 5.21 -4.08 34.92
CA ALA C 136 6.34 -5.05 34.87
C ALA C 136 7.34 -4.76 33.74
N ALA C 137 7.12 -3.69 32.97
CA ALA C 137 7.99 -3.34 31.84
C ALA C 137 9.04 -2.30 32.26
N ALA C 138 10.19 -2.79 32.69
CA ALA C 138 11.33 -1.95 33.14
C ALA C 138 11.53 -0.75 32.23
N GLY C 139 11.46 0.45 32.80
CA GLY C 139 11.72 1.69 32.08
C GLY C 139 10.66 2.27 31.19
N PHE C 140 9.58 1.52 30.97
CA PHE C 140 8.47 2.02 30.18
C PHE C 140 7.60 2.96 30.97
N HIS C 141 7.19 4.01 30.28
CA HIS C 141 6.28 5.06 30.79
C HIS C 141 5.58 5.74 29.58
N VAL C 142 4.44 6.36 29.86
CA VAL C 142 3.77 7.17 28.89
C VAL C 142 4.62 8.38 28.59
N SER C 143 4.81 8.64 27.30
CA SER C 143 5.71 9.67 26.81
C SER C 143 5.01 10.82 26.13
N ALA C 144 3.77 10.66 25.72
CA ALA C 144 3.03 11.70 25.01
C ALA C 144 1.59 11.22 24.96
N GLY C 145 0.64 12.17 25.05
CA GLY C 145 -0.76 11.83 24.97
C GLY C 145 -1.34 11.83 26.33
N LYS C 146 -2.66 11.74 26.40
CA LYS C 146 -3.32 11.68 27.68
C LYS C 146 -3.02 10.26 28.26
N ASN C 147 -2.53 10.20 29.51
CA ASN C 147 -2.34 8.95 30.22
C ASN C 147 -3.72 8.38 30.67
N PRO C 148 -4.11 7.21 30.16
CA PRO C 148 -5.39 6.59 30.57
C PRO C 148 -5.49 5.96 31.98
N ILE C 149 -4.34 5.71 32.64
CA ILE C 149 -4.34 4.93 33.83
C ILE C 149 -5.06 5.78 34.79
N GLY C 150 -6.11 5.25 35.42
CA GLY C 150 -6.89 6.02 36.39
C GLY C 150 -8.25 6.45 35.88
N LEU C 151 -8.42 6.54 34.56
CA LEU C 151 -9.71 6.95 34.00
C LEU C 151 -10.79 5.87 34.11
N PRO C 152 -12.01 6.28 34.42
CA PRO C 152 -13.15 5.39 34.41
C PRO C 152 -13.47 5.08 32.99
N VAL C 153 -13.98 3.88 32.79
CA VAL C 153 -14.24 3.34 31.48
C VAL C 153 -15.76 3.26 31.27
N ARG C 154 -16.22 3.83 30.17
CA ARG C 154 -17.64 3.96 29.89
C ARG C 154 -17.97 3.07 28.76
N GLY C 155 -19.11 2.38 28.88
CA GLY C 155 -19.62 1.56 27.78
C GLY C 155 -20.66 2.31 26.95
N CYS C 156 -21.06 1.70 25.84
CA CYS C 156 -21.99 2.36 24.91
C CYS C 156 -23.39 2.50 25.47
N ASP C 157 -23.65 1.91 26.64
CA ASP C 157 -24.88 2.26 27.35
C ASP C 157 -24.75 3.56 28.20
N LEU C 158 -23.69 4.33 27.98
CA LEU C 158 -23.34 5.51 28.80
C LEU C 158 -23.19 5.22 30.30
N GLU C 159 -22.83 3.99 30.66
CA GLU C 159 -22.63 3.57 32.08
C GLU C 159 -21.15 3.20 32.31
N ILE C 160 -20.64 3.46 33.51
CA ILE C 160 -19.25 3.15 33.85
C ILE C 160 -19.11 1.67 34.08
N ALA C 161 -18.21 0.99 33.36
CA ALA C 161 -17.95 -0.43 33.55
C ALA C 161 -16.73 -0.68 34.43
N GLY C 162 -15.92 0.35 34.68
CA GLY C 162 -14.77 0.17 35.57
C GLY C 162 -13.74 1.27 35.46
N LYS C 163 -12.47 0.91 35.69
CA LYS C 163 -11.38 1.88 35.71
C LYS C 163 -10.08 1.32 35.11
N VAL C 164 -9.33 2.16 34.42
CA VAL C 164 -8.06 1.72 33.83
C VAL C 164 -7.00 1.58 34.92
N VAL C 165 -6.35 0.42 34.98
CA VAL C 165 -5.31 0.15 35.98
C VAL C 165 -3.90 -0.05 35.37
N ASP C 166 -3.78 -0.19 34.06
CA ASP C 166 -2.46 -0.23 33.45
C ASP C 166 -2.64 -0.22 31.96
N ILE C 167 -1.52 -0.03 31.29
CA ILE C 167 -1.44 -0.17 29.86
C ILE C 167 -0.58 -1.41 29.68
N TRP C 168 -0.98 -2.29 28.77
CA TRP C 168 -0.13 -3.41 28.40
C TRP C 168 0.60 -2.97 27.16
N VAL C 169 1.92 -3.06 27.21
CA VAL C 169 2.75 -2.49 26.15
C VAL C 169 3.48 -3.54 25.38
N ASP C 170 3.74 -3.25 24.11
CA ASP C 170 4.58 -4.05 23.25
C ASP C 170 6.00 -3.55 23.47
N ILE C 171 6.85 -4.30 24.14
CA ILE C 171 8.22 -3.83 24.47
C ILE C 171 9.03 -3.54 23.20
N PRO C 172 9.22 -4.56 22.34
CA PRO C 172 10.07 -4.29 21.14
C PRO C 172 9.56 -3.20 20.17
N GLU C 173 8.27 -2.98 20.12
CA GLU C 173 7.75 -1.92 19.27
C GLU C 173 7.31 -0.67 20.03
N GLN C 174 7.56 -0.64 21.35
CA GLN C 174 7.28 0.53 22.16
C GLN C 174 5.95 1.15 21.79
N MET C 175 4.90 0.37 21.97
CA MET C 175 3.57 0.79 21.64
C MET C 175 2.56 0.22 22.64
N ALA C 176 1.45 0.93 22.82
CA ALA C 176 0.37 0.49 23.72
C ALA C 176 -0.55 -0.49 22.99
N ARG C 177 -0.79 -1.64 23.60
CA ARG C 177 -1.65 -2.66 22.98
C ARG C 177 -2.98 -2.93 23.64
N PHE C 178 -3.03 -2.88 24.97
CA PHE C 178 -4.30 -3.00 25.65
C PHE C 178 -4.31 -2.07 26.82
N LEU C 179 -5.52 -1.82 27.32
CA LEU C 179 -5.75 -1.22 28.60
C LEU C 179 -6.27 -2.32 29.55
N GLU C 180 -5.72 -2.39 30.77
CA GLU C 180 -6.21 -3.35 31.71
C GLU C 180 -7.20 -2.64 32.58
N VAL C 181 -8.40 -3.20 32.66
CA VAL C 181 -9.54 -2.51 33.24
C VAL C 181 -10.11 -3.27 34.40
N GLU C 182 -10.17 -2.63 35.57
CA GLU C 182 -10.68 -3.25 36.75
C GLU C 182 -12.21 -3.11 36.84
N LEU C 183 -12.87 -4.23 37.05
CA LEU C 183 -14.32 -4.28 37.16
C LEU C 183 -14.74 -4.13 38.60
N LYS C 184 -16.05 -4.04 38.78
CA LYS C 184 -16.68 -3.77 40.08
C LYS C 184 -16.29 -4.80 41.15
N ASP C 185 -16.08 -6.05 40.75
CA ASP C 185 -15.67 -7.14 41.65
C ASP C 185 -14.17 -7.23 41.90
N GLY C 186 -13.38 -6.32 41.36
CA GLY C 186 -11.92 -6.30 41.62
C GLY C 186 -11.06 -7.10 40.64
N SER C 187 -11.65 -7.93 39.81
CA SER C 187 -10.89 -8.60 38.77
C SER C 187 -10.68 -7.61 37.61
N THR C 188 -9.81 -7.97 36.67
CA THR C 188 -9.50 -7.10 35.56
C THR C 188 -9.74 -7.77 34.19
N ARG C 189 -9.85 -6.96 33.13
CA ARG C 189 -9.90 -7.47 31.76
C ARG C 189 -9.02 -6.59 30.88
N LEU C 190 -8.68 -7.12 29.73
CA LEU C 190 -7.96 -6.38 28.75
C LEU C 190 -8.93 -5.92 27.66
N LEU C 191 -8.77 -4.67 27.25
CA LEU C 191 -9.45 -4.05 26.15
C LEU C 191 -8.38 -3.70 25.14
N PRO C 192 -8.56 -4.11 23.87
CA PRO C 192 -7.72 -3.67 22.77
C PRO C 192 -7.66 -2.13 22.66
N MET C 193 -6.48 -1.62 22.40
CA MET C 193 -6.25 -0.15 22.43
C MET C 193 -6.91 0.42 21.18
N GLN C 194 -6.93 -0.40 20.14
CA GLN C 194 -7.60 -0.03 18.91
C GLN C 194 -9.12 0.07 19.09
N MET C 195 -9.66 -0.32 20.25
CA MET C 195 -11.12 -0.26 20.41
C MET C 195 -11.57 0.66 21.54
N VAL C 196 -10.69 1.59 21.93
CA VAL C 196 -11.06 2.52 22.96
C VAL C 196 -10.71 3.89 22.45
N LYS C 197 -11.39 4.86 23.02
CA LYS C 197 -11.19 6.25 22.75
C LYS C 197 -10.79 6.86 24.10
N VAL C 198 -9.54 7.29 24.18
CA VAL C 198 -9.05 7.92 25.40
C VAL C 198 -9.49 9.36 25.28
N GLN C 199 -10.31 9.78 26.23
CA GLN C 199 -10.79 11.14 26.34
C GLN C 199 -10.22 11.78 27.63
N SER C 200 -10.33 13.10 27.71
CA SER C 200 -9.73 13.81 28.81
C SER C 200 -10.21 13.37 30.19
N ASN C 201 -11.43 12.82 30.28
CA ASN C 201 -12.02 12.46 31.59
C ASN C 201 -12.54 11.06 31.64
N ARG C 202 -12.29 10.28 30.61
CA ARG C 202 -12.76 8.92 30.58
C ARG C 202 -12.08 8.22 29.41
N VAL C 203 -12.26 6.90 29.39
CA VAL C 203 -12.03 6.10 28.22
C VAL C 203 -13.43 5.57 27.84
N HIS C 204 -13.83 5.83 26.61
CA HIS C 204 -15.09 5.33 26.06
C HIS C 204 -14.90 4.13 25.18
N VAL C 205 -15.74 3.12 25.45
CA VAL C 205 -15.78 1.90 24.66
C VAL C 205 -17.16 1.71 23.97
N ASN C 206 -17.20 2.13 22.71
CA ASN C 206 -18.40 2.00 21.88
C ASN C 206 -18.91 0.56 21.65
N ALA C 207 -17.98 -0.37 21.51
CA ALA C 207 -18.28 -1.73 21.14
C ALA C 207 -19.09 -2.50 22.21
N LEU C 208 -18.89 -2.19 23.50
CA LEU C 208 -19.52 -2.94 24.59
C LEU C 208 -20.30 -2.02 25.53
N SER C 209 -21.49 -2.48 25.93
CA SER C 209 -22.22 -1.87 27.04
C SER C 209 -21.66 -2.40 28.35
N SER C 210 -21.92 -1.69 29.41
CA SER C 210 -21.25 -1.94 30.69
C SER C 210 -21.43 -3.34 31.17
N ASP C 211 -22.66 -3.86 31.09
CA ASP C 211 -23.01 -5.24 31.48
C ASP C 211 -22.24 -6.33 30.72
N LEU C 212 -21.64 -6.00 29.58
CA LEU C 212 -20.94 -7.02 28.84
C LEU C 212 -19.46 -7.15 29.22
N PHE C 213 -18.97 -6.28 30.11
CA PHE C 213 -17.54 -6.28 30.44
C PHE C 213 -17.14 -7.55 31.22
N ALA C 214 -18.03 -8.06 32.04
CA ALA C 214 -17.76 -9.25 32.88
C ALA C 214 -17.40 -10.44 32.01
N GLY C 215 -18.03 -10.53 30.84
CA GLY C 215 -17.92 -11.65 29.93
C GLY C 215 -16.72 -11.62 29.00
N ILE C 216 -15.99 -10.50 28.94
CA ILE C 216 -14.69 -10.49 28.26
C ILE C 216 -13.85 -11.67 28.81
N PRO C 217 -13.37 -12.56 27.94
CA PRO C 217 -12.47 -13.66 28.29
C PRO C 217 -11.28 -13.23 29.13
N THR C 218 -11.04 -13.92 30.22
CA THR C 218 -9.99 -13.61 31.19
C THR C 218 -8.66 -14.26 30.83
N ILE C 219 -7.59 -13.76 31.38
CA ILE C 219 -6.26 -14.32 31.07
C ILE C 219 -5.92 -15.15 32.30
N LYS C 220 -5.26 -16.28 32.11
CA LYS C 220 -5.08 -17.20 33.23
C LYS C 220 -3.92 -16.80 34.12
N SER C 221 -2.99 -16.01 33.62
CA SER C 221 -1.89 -15.48 34.45
C SER C 221 -1.93 -13.95 34.27
N PRO C 222 -1.84 -13.21 35.37
CA PRO C 222 -2.02 -11.76 35.31
C PRO C 222 -0.89 -10.95 34.69
N THR C 223 0.30 -11.52 34.44
CA THR C 223 1.41 -10.74 33.88
C THR C 223 1.79 -11.12 32.46
N GLU C 224 0.93 -11.89 31.78
CA GLU C 224 1.17 -12.20 30.39
C GLU C 224 -0.17 -12.56 29.77
N VAL C 225 -0.21 -12.45 28.45
CA VAL C 225 -1.38 -12.84 27.67
C VAL C 225 -0.95 -13.76 26.53
N THR C 226 -1.71 -14.82 26.29
CA THR C 226 -1.33 -15.80 25.26
C THR C 226 -1.96 -15.45 23.96
N LEU C 227 -1.41 -15.97 22.87
CA LEU C 227 -1.99 -15.70 21.55
C LEU C 227 -3.47 -16.12 21.54
N LEU C 228 -3.79 -17.22 22.18
CA LEU C 228 -5.17 -17.69 22.22
C LEU C 228 -6.10 -16.71 22.94
N GLU C 229 -5.61 -16.21 24.06
CA GLU C 229 -6.32 -15.23 24.89
C GLU C 229 -6.51 -13.90 24.17
N GLU C 230 -5.50 -13.45 23.46
CA GLU C 230 -5.68 -12.18 22.66
C GLU C 230 -6.82 -12.33 21.68
N ASP C 231 -6.91 -13.52 21.09
CA ASP C 231 -7.88 -13.75 20.03
C ASP C 231 -9.30 -13.75 20.61
N LYS C 232 -9.44 -14.38 21.77
CA LYS C 232 -10.74 -14.39 22.45
C LYS C 232 -11.19 -12.97 22.89
N ILE C 233 -10.27 -12.23 23.49
CA ILE C 233 -10.56 -10.86 23.93
C ILE C 233 -10.87 -9.96 22.74
N CYS C 234 -10.03 -10.01 21.72
CA CYS C 234 -10.27 -9.08 20.59
C CYS C 234 -11.54 -9.41 19.82
N GLY C 235 -11.77 -10.72 19.60
CA GLY C 235 -12.99 -11.26 19.00
C GLY C 235 -14.26 -10.80 19.73
N TYR C 236 -14.23 -10.97 21.04
CA TYR C 236 -15.35 -10.64 21.90
C TYR C 236 -15.68 -9.18 21.83
N VAL C 237 -14.68 -8.32 22.00
CA VAL C 237 -14.87 -6.88 21.93
C VAL C 237 -15.36 -6.44 20.55
N ALA C 238 -14.71 -6.91 19.48
CA ALA C 238 -15.25 -6.62 18.11
C ALA C 238 -16.71 -7.07 17.96
N GLY C 239 -17.03 -8.26 18.48
CA GLY C 239 -18.38 -8.78 18.32
C GLY C 239 -19.49 -7.86 18.85
N GLY C 240 -19.16 -6.95 19.75
CA GLY C 240 -20.13 -6.07 20.38
C GLY C 240 -20.67 -5.00 19.45
N LEU C 241 -19.88 -4.61 18.45
CA LEU C 241 -20.42 -3.67 17.46
C LEU C 241 -21.75 -4.18 16.93
N MET C 242 -21.81 -5.45 16.53
CA MET C 242 -23.06 -6.05 16.11
C MET C 242 -23.95 -6.45 17.29
N TYR C 243 -23.42 -7.20 18.25
CA TYR C 243 -24.29 -7.90 19.21
C TYR C 243 -24.69 -7.04 20.44
N ALA C 244 -24.02 -5.92 20.70
CA ALA C 244 -24.49 -5.00 21.74
C ALA C 244 -25.30 -3.86 21.11
N ALA C 245 -25.60 -3.95 19.81
CA ALA C 245 -26.28 -2.83 19.15
C ALA C 245 -27.61 -2.38 19.83
N PRO C 246 -28.46 -3.34 20.27
CA PRO C 246 -29.64 -2.90 21.03
C PRO C 246 -29.33 -2.00 22.27
N LYS C 247 -28.24 -2.25 22.98
CA LYS C 247 -27.86 -1.41 24.14
C LYS C 247 -27.02 -0.16 23.77
N ARG C 248 -26.87 0.14 22.49
CA ARG C 248 -26.00 1.24 22.08
C ARG C 248 -26.81 2.52 21.86
N LYS C 249 -26.93 3.34 22.90
CA LYS C 249 -27.58 4.65 22.79
C LYS C 249 -26.97 5.55 21.69
N SER C 250 -27.82 6.30 20.99
CA SER C 250 -27.38 7.15 19.85
C SER C 250 -26.56 8.39 20.31
N VAL C 251 -25.56 8.74 19.49
CA VAL C 251 -24.39 9.56 19.94
C VAL C 251 -24.01 10.61 18.90
#